data_8OZ3
#
_entry.id   8OZ3
#
_cell.length_a   61.923
_cell.length_b   125.214
_cell.length_c   128.785
_cell.angle_alpha   90.000
_cell.angle_beta   90.000
_cell.angle_gamma   90.000
#
_symmetry.space_group_name_H-M   'P 2 21 21'
#
loop_
_entity.id
_entity.type
_entity.pdbx_description
1 polymer 'Single chain Fv'
2 polymer 'Single chain Fv'
3 polymer 'Tumor necrosis factor receptor superfamily member 9'
4 water water
#
loop_
_entity_poly.entity_id
_entity_poly.type
_entity_poly.pdbx_seq_one_letter_code
_entity_poly.pdbx_strand_id
1 'polypeptide(L)'
;EVQLLESGGGLVQPGGSLRLSCAASGFNFGYSYMSWVRQAPGKGLEWVSSIGSTSSHTYYADSVKGRFTISRDNSKNTLY
LQMNSLRAEDTAVYYCARVYSSPGIDYWGQGTLVTVSSASTKGPSVFPLAPSSKSTSGGTAALGCLVKDYFPEPVTVSWN
SGALTSGVHTFPAVLQSSGLYSLSSVVTVPSSSLGTQTYICNVNHKPSNTKVDKKVEPKSCDKTHCDKTH
;
A,H
2 'polypeptide(L)'
;SDIQMTQSPSSLSASVGDRVTITCRASQSIGSTLNWYQQKPGKAPKLLIYGASSLQSGVPSRFSGSGSGTDFTLTISSLQ
PEDFATYYCQQYYTWVPFTFGQGTKLEIKRTVAAPSVFIFPPSDEQLKSGTASVVCLLNNFYPREAKVQWKVDNALQSGN
SQESVTEQDSKDSTYSLSSTLTLSKADYEKHKVYACEVTHQGLSSPVTKSFNRGEC
;
B,L
3 'polypeptide(L)'
;LQDPCSNCPAGTFCDNNRNQICSPCPPNSFSSAGGQRTCDICRQCKGVFRTRKECSSTSNAECDCTPGFHCLGAGCSMCE
QDCKQGQELTKKGCKDCSFGTFNDQKRGICRPWTDCSLDGKSVLVQGTKERDVVCGPGSLG
;
C,D
#
# COMPACT_ATOMS: atom_id res chain seq x y z
N VAL A 2 21.42 -16.83 12.46
CA VAL A 2 20.88 -15.76 13.35
C VAL A 2 21.43 -15.95 14.76
N GLN A 3 22.00 -14.89 15.35
CA GLN A 3 22.63 -14.98 16.65
C GLN A 3 22.41 -13.69 17.44
N LEU A 4 22.40 -13.84 18.78
CA LEU A 4 22.20 -12.76 19.73
C LEU A 4 23.04 -13.07 20.96
N LEU A 5 24.03 -12.20 21.23
CA LEU A 5 25.02 -12.49 22.28
C LEU A 5 24.92 -11.44 23.38
N GLU A 6 24.38 -11.83 24.54
CA GLU A 6 24.26 -10.91 25.65
C GLU A 6 25.57 -10.87 26.44
N SER A 7 25.92 -9.69 26.94
CA SER A 7 27.10 -9.44 27.77
C SER A 7 26.81 -8.34 28.78
N GLY A 8 27.73 -8.10 29.72
CA GLY A 8 27.67 -6.93 30.58
C GLY A 8 27.03 -7.21 31.93
N GLY A 9 26.47 -8.42 32.12
CA GLY A 9 25.85 -8.80 33.38
C GLY A 9 26.90 -9.16 34.43
N GLY A 10 26.54 -9.09 35.71
CA GLY A 10 27.40 -9.58 36.78
C GLY A 10 26.83 -9.24 38.16
N LEU A 11 27.69 -9.34 39.18
CA LEU A 11 27.30 -9.10 40.56
C LEU A 11 27.51 -7.64 40.94
N VAL A 12 26.44 -6.97 41.41
CA VAL A 12 26.49 -5.57 41.86
C VAL A 12 25.80 -5.41 43.22
N GLN A 13 26.18 -4.31 43.90
CA GLN A 13 25.57 -3.89 45.14
C GLN A 13 24.31 -3.09 44.81
N PRO A 14 23.22 -3.18 45.60
CA PRO A 14 21.99 -2.42 45.33
C PRO A 14 22.26 -0.92 45.29
N GLY A 15 21.64 -0.25 44.31
CA GLY A 15 21.86 1.16 44.05
C GLY A 15 22.76 1.39 42.83
N GLY A 16 23.55 0.35 42.51
CA GLY A 16 24.57 0.39 41.45
C GLY A 16 23.97 0.26 40.06
N SER A 17 24.84 0.10 39.05
CA SER A 17 24.41 0.15 37.65
C SER A 17 25.25 -0.79 36.78
N LEU A 18 24.65 -1.25 35.69
CA LEU A 18 25.26 -2.11 34.69
C LEU A 18 24.80 -1.67 33.30
N ARG A 19 25.61 -1.99 32.28
CA ARG A 19 25.25 -1.77 30.89
C ARG A 19 25.26 -3.12 30.17
N LEU A 20 24.07 -3.66 29.91
CA LEU A 20 23.91 -4.87 29.14
C LEU A 20 24.06 -4.56 27.66
N SER A 21 24.68 -5.49 26.90
CA SER A 21 24.81 -5.37 25.44
C SER A 21 24.42 -6.70 24.78
N CYS A 22 23.71 -6.60 23.64
CA CYS A 22 23.30 -7.75 22.86
C CYS A 22 23.85 -7.56 21.44
N ALA A 23 24.59 -8.56 20.95
CA ALA A 23 25.25 -8.47 19.65
C ALA A 23 24.51 -9.31 18.61
N ALA A 24 23.90 -8.63 17.63
CA ALA A 24 23.07 -9.30 16.63
C ALA A 24 23.90 -9.59 15.38
N SER A 25 23.52 -10.68 14.68
CA SER A 25 24.11 -11.12 13.43
C SER A 25 23.17 -12.10 12.71
N GLY A 26 23.22 -12.14 11.38
CA GLY A 26 22.51 -13.14 10.59
C GLY A 26 21.10 -12.73 10.17
N PHE A 27 20.76 -11.44 10.35
CA PHE A 27 19.46 -10.89 9.98
C PHE A 27 19.53 -9.36 9.91
N ASN A 28 18.44 -8.71 9.46
CA ASN A 28 18.40 -7.24 9.42
C ASN A 28 17.98 -6.71 10.79
N PHE A 29 18.98 -6.21 11.55
CA PHE A 29 18.79 -5.67 12.89
C PHE A 29 17.92 -4.42 12.84
N GLY A 30 18.18 -3.57 11.84
CA GLY A 30 17.48 -2.31 11.64
C GLY A 30 15.96 -2.47 11.60
N TYR A 31 15.47 -3.53 10.95
CA TYR A 31 14.04 -3.78 10.77
C TYR A 31 13.58 -4.88 11.73
N SER A 32 13.96 -4.76 13.02
CA SER A 32 13.53 -5.69 14.05
C SER A 32 13.16 -4.98 15.35
N TYR A 33 11.97 -5.34 15.87
CA TYR A 33 11.42 -4.86 17.12
C TYR A 33 12.13 -5.63 18.23
N MET A 34 13.11 -4.96 18.85
CA MET A 34 13.96 -5.60 19.83
C MET A 34 13.36 -5.41 21.23
N SER A 35 13.59 -6.41 22.10
CA SER A 35 13.06 -6.42 23.44
C SER A 35 14.07 -7.03 24.42
N TRP A 36 13.91 -6.74 25.71
CA TRP A 36 14.58 -7.45 26.80
C TRP A 36 13.51 -8.17 27.63
N VAL A 37 13.67 -9.48 27.85
CA VAL A 37 12.81 -10.25 28.76
C VAL A 37 13.68 -10.86 29.86
N ARG A 38 13.33 -10.68 31.13
CA ARG A 38 14.13 -11.22 32.23
C ARG A 38 13.40 -12.41 32.84
N GLN A 39 14.17 -13.27 33.53
CA GLN A 39 13.68 -14.45 34.21
C GLN A 39 14.54 -14.68 35.45
N ALA A 40 13.97 -14.37 36.62
CA ALA A 40 14.68 -14.56 37.86
C ALA A 40 14.78 -16.06 38.12
N PRO A 41 15.84 -16.51 38.82
CA PRO A 41 16.07 -17.94 39.00
C PRO A 41 14.89 -18.59 39.72
N GLY A 42 14.30 -19.61 39.09
CA GLY A 42 13.21 -20.35 39.67
C GLY A 42 11.86 -19.89 39.12
N LYS A 43 11.84 -18.67 38.59
CA LYS A 43 10.61 -17.96 38.27
C LYS A 43 10.32 -18.10 36.77
N GLY A 44 9.42 -17.29 36.24
CA GLY A 44 9.10 -17.29 34.83
C GLY A 44 9.60 -16.01 34.16
N LEU A 45 8.99 -15.70 33.01
CA LEU A 45 9.48 -14.71 32.05
C LEU A 45 8.68 -13.43 32.24
N GLU A 46 9.37 -12.30 32.38
CA GLU A 46 8.77 -11.00 32.61
C GLU A 46 9.34 -10.02 31.59
N TRP A 47 8.46 -9.37 30.81
CA TRP A 47 8.92 -8.39 29.84
C TRP A 47 9.54 -7.20 30.57
N VAL A 48 10.60 -6.60 29.99
CA VAL A 48 11.35 -5.53 30.62
C VAL A 48 11.19 -4.25 29.80
N SER A 49 11.53 -4.33 28.52
CA SER A 49 11.58 -3.15 27.65
C SER A 49 11.58 -3.57 26.19
N SER A 50 11.15 -2.66 25.32
CA SER A 50 11.17 -2.86 23.88
C SER A 50 11.56 -1.56 23.20
N ILE A 51 12.11 -1.68 21.99
CA ILE A 51 12.43 -0.52 21.19
C ILE A 51 12.13 -0.86 19.73
N GLY A 52 11.39 0.05 19.07
CA GLY A 52 10.96 -0.16 17.70
C GLY A 52 12.13 -0.05 16.73
N SER A 53 11.92 -0.61 15.52
CA SER A 53 12.88 -0.51 14.42
C SER A 53 13.20 0.95 14.14
N THR A 54 12.22 1.83 14.38
CA THR A 54 12.29 3.28 14.18
C THR A 54 13.31 3.90 15.15
N SER A 55 13.43 3.30 16.35
CA SER A 55 14.36 3.66 17.42
C SER A 55 13.94 4.96 18.12
N SER A 56 12.67 5.36 17.94
CA SER A 56 12.13 6.58 18.51
C SER A 56 11.18 6.22 19.65
N HIS A 57 10.58 5.01 19.53
CA HIS A 57 9.64 4.44 20.49
C HIS A 57 10.40 3.52 21.45
N THR A 58 10.52 3.99 22.71
CA THR A 58 11.11 3.19 23.77
C THR A 58 10.03 2.91 24.80
N TYR A 59 9.74 1.63 25.02
CA TYR A 59 8.71 1.21 25.96
C TYR A 59 9.37 0.51 27.15
N TYR A 60 8.76 0.66 28.34
CA TYR A 60 9.31 0.16 29.59
C TYR A 60 8.21 -0.46 30.46
N ALA A 61 8.60 -1.47 31.24
CA ALA A 61 7.73 -2.07 32.24
C ALA A 61 7.66 -1.15 33.43
N ASP A 62 6.56 -1.26 34.19
CA ASP A 62 6.27 -0.28 35.22
C ASP A 62 7.40 -0.26 36.25
N SER A 63 7.96 -1.43 36.57
CA SER A 63 8.88 -1.56 37.68
C SER A 63 10.28 -1.04 37.34
N VAL A 64 10.57 -0.85 36.05
CA VAL A 64 11.89 -0.41 35.62
C VAL A 64 11.84 0.99 35.01
N LYS A 65 10.66 1.60 34.95
CA LYS A 65 10.52 2.96 34.46
C LYS A 65 11.40 3.89 35.29
N GLY A 66 12.12 4.79 34.59
CA GLY A 66 12.92 5.84 35.21
C GLY A 66 14.24 5.34 35.79
N ARG A 67 14.55 4.05 35.58
CA ARG A 67 15.78 3.43 36.08
C ARG A 67 16.55 2.84 34.91
N PHE A 68 15.85 2.09 34.03
CA PHE A 68 16.46 1.41 32.89
C PHE A 68 16.27 2.26 31.64
N THR A 69 17.15 2.06 30.64
CA THR A 69 17.06 2.79 29.38
C THR A 69 17.51 1.92 28.20
N ILE A 70 16.56 1.59 27.32
CA ILE A 70 16.85 0.81 26.13
C ILE A 70 17.34 1.75 25.02
N SER A 71 18.33 1.28 24.25
CA SER A 71 18.96 2.03 23.17
C SER A 71 19.53 1.05 22.15
N ARG A 72 19.70 1.50 20.89
CA ARG A 72 20.24 0.63 19.85
C ARG A 72 21.13 1.43 18.90
N ASP A 73 22.14 0.73 18.36
CA ASP A 73 23.12 1.30 17.44
C ASP A 73 23.09 0.46 16.17
N ASN A 74 22.16 0.77 15.26
CA ASN A 74 21.90 -0.09 14.11
C ASN A 74 23.11 -0.14 13.15
N SER A 75 24.13 0.72 13.37
CA SER A 75 25.38 0.63 12.62
C SER A 75 26.20 -0.57 13.08
N LYS A 76 26.40 -0.71 14.42
CA LYS A 76 27.17 -1.79 15.00
C LYS A 76 26.24 -2.98 15.36
N ASN A 77 24.97 -2.95 14.93
CA ASN A 77 23.96 -3.97 15.20
C ASN A 77 23.98 -4.45 16.66
N THR A 78 23.83 -3.48 17.58
CA THR A 78 23.91 -3.74 19.01
C THR A 78 22.71 -3.14 19.74
N LEU A 79 22.12 -3.93 20.65
CA LEU A 79 21.06 -3.51 21.55
C LEU A 79 21.66 -3.31 22.96
N TYR A 80 21.20 -2.28 23.69
CA TYR A 80 21.75 -1.96 25.00
C TYR A 80 20.64 -1.83 26.05
N LEU A 81 20.99 -2.13 27.30
CA LEU A 81 20.12 -1.81 28.42
C LEU A 81 20.94 -1.16 29.52
N GLN A 82 20.81 0.17 29.62
CA GLN A 82 21.47 0.92 30.68
C GLN A 82 20.63 0.78 31.95
N MET A 83 21.03 -0.15 32.82
CA MET A 83 20.32 -0.41 34.05
C MET A 83 20.96 0.36 35.19
N ASN A 84 20.29 1.42 35.68
CA ASN A 84 20.75 2.23 36.79
C ASN A 84 19.86 2.00 38.01
N SER A 85 20.36 2.39 39.19
CA SER A 85 19.62 2.32 40.45
C SER A 85 19.12 0.91 40.72
N LEU A 86 19.96 -0.09 40.43
CA LEU A 86 19.57 -1.50 40.43
C LEU A 86 19.13 -1.94 41.81
N ARG A 87 17.97 -2.62 41.85
CA ARG A 87 17.35 -3.09 43.08
C ARG A 87 17.53 -4.61 43.19
N ALA A 88 17.18 -5.13 44.38
CA ALA A 88 17.30 -6.55 44.68
C ALA A 88 16.38 -7.37 43.80
N GLU A 89 15.19 -6.84 43.51
CA GLU A 89 14.17 -7.53 42.72
C GLU A 89 14.62 -7.71 41.27
N ASP A 90 15.68 -6.99 40.84
CA ASP A 90 16.14 -7.00 39.47
C ASP A 90 17.03 -8.21 39.16
N THR A 91 17.42 -8.98 40.19
CA THR A 91 18.29 -10.15 40.03
C THR A 91 17.59 -11.15 39.12
N ALA A 92 18.18 -11.40 37.94
CA ALA A 92 17.58 -12.23 36.90
C ALA A 92 18.56 -12.47 35.75
N VAL A 93 18.24 -13.45 34.91
CA VAL A 93 18.87 -13.62 33.61
C VAL A 93 18.10 -12.77 32.61
N TYR A 94 18.80 -11.85 31.94
CA TYR A 94 18.19 -11.00 30.93
C TYR A 94 18.46 -11.58 29.55
N TYR A 95 17.42 -11.61 28.69
CA TYR A 95 17.53 -12.09 27.33
C TYR A 95 17.15 -10.97 26.36
N CYS A 96 17.89 -10.87 25.24
CA CYS A 96 17.45 -10.01 24.15
C CYS A 96 16.66 -10.88 23.18
N ALA A 97 15.51 -10.36 22.72
CA ALA A 97 14.53 -11.14 22.00
C ALA A 97 14.02 -10.35 20.80
N ARG A 98 13.80 -11.01 19.68
CA ARG A 98 13.50 -10.33 18.44
C ARG A 98 12.15 -10.78 17.89
N VAL A 99 11.36 -9.77 17.47
CA VAL A 99 10.15 -9.95 16.68
C VAL A 99 10.45 -9.40 15.28
N TYR A 100 10.35 -10.25 14.23
CA TYR A 100 10.75 -9.85 12.89
C TYR A 100 9.52 -9.53 12.05
N SER A 101 8.73 -10.55 11.73
CA SER A 101 7.54 -10.45 10.91
C SER A 101 6.36 -11.14 11.58
N SER A 102 6.65 -12.22 12.34
CA SER A 102 5.66 -12.92 13.16
C SER A 102 5.48 -12.16 14.47
N PRO A 103 4.26 -12.16 15.07
CA PRO A 103 4.02 -11.49 16.36
C PRO A 103 4.63 -12.21 17.56
N GLY A 104 5.04 -13.48 17.35
CA GLY A 104 5.77 -14.20 18.38
C GLY A 104 7.26 -13.91 18.31
N ILE A 105 7.92 -14.00 19.47
CA ILE A 105 9.36 -13.86 19.56
C ILE A 105 9.99 -15.15 19.08
N ASP A 106 10.72 -15.09 17.95
CA ASP A 106 11.20 -16.29 17.29
C ASP A 106 12.65 -16.56 17.70
N TYR A 107 13.47 -15.52 17.89
CA TYR A 107 14.89 -15.70 18.20
C TYR A 107 15.25 -15.02 19.52
N TRP A 108 15.67 -15.83 20.50
CA TRP A 108 16.13 -15.37 21.81
C TRP A 108 17.63 -15.50 21.90
N GLY A 109 18.28 -14.70 22.76
CA GLY A 109 19.68 -14.90 23.08
C GLY A 109 19.89 -15.99 24.12
N GLN A 110 21.14 -16.18 24.56
CA GLN A 110 21.49 -17.18 25.58
C GLN A 110 21.32 -16.63 27.00
N GLY A 111 21.23 -15.30 27.13
CA GLY A 111 21.07 -14.66 28.43
C GLY A 111 22.39 -14.15 29.02
N THR A 112 22.27 -13.23 29.98
CA THR A 112 23.37 -12.72 30.79
C THR A 112 22.80 -12.54 32.22
N LEU A 113 23.59 -12.93 33.23
CA LEU A 113 23.09 -12.92 34.60
C LEU A 113 23.43 -11.61 35.30
N VAL A 114 22.39 -10.94 35.80
CA VAL A 114 22.53 -9.77 36.64
C VAL A 114 22.19 -10.17 38.07
N THR A 115 23.15 -10.00 39.00
CA THR A 115 22.98 -10.42 40.38
C THR A 115 23.14 -9.23 41.33
N VAL A 116 22.21 -9.04 42.28
CA VAL A 116 22.35 -7.93 43.23
C VAL A 116 22.53 -8.48 44.65
N SER A 117 23.46 -7.90 45.44
CA SER A 117 23.83 -8.47 46.74
C SER A 117 23.01 -7.85 47.88
N SER A 118 21.83 -8.39 48.18
CA SER A 118 20.94 -7.71 49.12
C SER A 118 21.60 -7.60 50.51
N SER B 1 -3.04 -5.00 37.63
CA SER B 1 -3.43 -3.88 36.73
C SER B 1 -3.72 -4.32 35.27
N ASP B 2 -2.88 -5.19 34.68
CA ASP B 2 -2.91 -5.54 33.27
C ASP B 2 -3.39 -6.97 33.11
N ILE B 3 -3.33 -7.44 31.85
CA ILE B 3 -3.96 -8.70 31.45
C ILE B 3 -3.24 -9.86 32.13
N GLN B 4 -4.01 -10.75 32.79
CA GLN B 4 -3.48 -11.86 33.58
C GLN B 4 -3.65 -13.17 32.80
N MET B 5 -2.55 -13.84 32.47
CA MET B 5 -2.57 -15.17 31.87
C MET B 5 -2.44 -16.20 32.99
N THR B 6 -3.32 -17.22 32.99
CA THR B 6 -3.34 -18.25 34.00
C THR B 6 -3.36 -19.62 33.32
N GLN B 7 -2.22 -20.34 33.43
CA GLN B 7 -2.05 -21.66 32.84
C GLN B 7 -2.61 -22.71 33.80
N SER B 8 -3.16 -23.79 33.23
CA SER B 8 -3.69 -24.90 34.01
C SER B 8 -3.31 -26.23 33.36
N PRO B 9 -2.65 -27.20 34.05
CA PRO B 9 -2.20 -27.09 35.45
C PRO B 9 -0.80 -26.51 35.64
N SER B 10 -0.40 -26.24 36.89
CA SER B 10 0.93 -25.74 37.18
C SER B 10 1.99 -26.80 36.85
N SER B 11 1.68 -28.08 37.09
CA SER B 11 2.59 -29.20 36.82
C SER B 11 1.80 -30.38 36.26
N LEU B 12 2.42 -31.21 35.42
CA LEU B 12 1.73 -32.29 34.74
C LEU B 12 2.66 -33.49 34.50
N SER B 13 2.37 -34.63 35.14
CA SER B 13 3.08 -35.88 34.90
C SER B 13 2.42 -36.66 33.78
N ALA B 14 3.21 -37.04 32.78
CA ALA B 14 2.72 -37.81 31.65
C ALA B 14 3.82 -38.70 31.11
N SER B 15 3.43 -39.84 30.54
CA SER B 15 4.33 -40.83 29.99
C SER B 15 4.35 -40.71 28.48
N VAL B 16 5.48 -41.13 27.86
CA VAL B 16 5.68 -40.96 26.43
C VAL B 16 4.55 -41.62 25.62
N GLY B 17 4.24 -41.05 24.45
CA GLY B 17 3.25 -41.62 23.54
C GLY B 17 1.85 -41.04 23.72
N ASP B 18 1.64 -40.36 24.86
CA ASP B 18 0.32 -39.82 25.19
C ASP B 18 0.12 -38.51 24.45
N ARG B 19 -1.09 -37.96 24.57
CA ARG B 19 -1.44 -36.64 24.08
C ARG B 19 -1.72 -35.78 25.31
N VAL B 20 -1.10 -34.59 25.38
CA VAL B 20 -1.23 -33.73 26.54
C VAL B 20 -2.13 -32.55 26.17
N THR B 21 -2.70 -31.86 27.17
CA THR B 21 -3.57 -30.69 26.95
C THR B 21 -3.33 -29.66 28.04
N ILE B 22 -2.49 -28.66 27.73
CA ILE B 22 -2.22 -27.53 28.64
C ILE B 22 -3.24 -26.42 28.37
N THR B 23 -3.77 -25.81 29.44
CA THR B 23 -4.67 -24.66 29.35
C THR B 23 -3.90 -23.38 29.58
N CYS B 24 -4.42 -22.30 28.99
CA CYS B 24 -3.97 -20.93 29.22
C CYS B 24 -5.22 -20.06 29.18
N ARG B 25 -5.44 -19.29 30.24
CA ARG B 25 -6.66 -18.50 30.38
C ARG B 25 -6.31 -17.01 30.51
N ALA B 26 -6.87 -16.19 29.60
CA ALA B 26 -6.67 -14.76 29.59
C ALA B 26 -7.79 -14.07 30.38
N SER B 27 -7.40 -13.07 31.20
CA SER B 27 -8.31 -12.42 32.14
C SER B 27 -9.41 -11.66 31.41
N GLN B 28 -9.31 -11.57 30.09
CA GLN B 28 -10.29 -10.90 29.23
C GLN B 28 -10.18 -11.51 27.83
N SER B 29 -11.17 -11.27 26.97
CA SER B 29 -11.10 -11.72 25.59
C SER B 29 -9.92 -11.01 24.90
N ILE B 30 -9.02 -11.78 24.28
CA ILE B 30 -7.84 -11.23 23.61
C ILE B 30 -7.75 -11.78 22.19
N GLY B 31 -8.91 -12.09 21.59
CA GLY B 31 -8.96 -12.63 20.25
C GLY B 31 -8.09 -13.88 20.14
N SER B 32 -7.09 -13.85 19.24
CA SER B 32 -6.18 -14.95 18.99
C SER B 32 -4.72 -14.45 19.08
N THR B 33 -4.47 -13.47 19.95
CA THR B 33 -3.15 -12.84 20.06
C THR B 33 -2.32 -13.55 21.12
N LEU B 34 -2.09 -14.87 20.89
CA LEU B 34 -1.41 -15.72 21.86
C LEU B 34 -0.23 -16.45 21.24
N ASN B 35 0.83 -16.60 22.03
CA ASN B 35 2.02 -17.33 21.63
C ASN B 35 2.23 -18.50 22.61
N TRP B 36 2.97 -19.51 22.15
CA TRP B 36 3.35 -20.64 22.97
C TRP B 36 4.86 -20.81 22.87
N TYR B 37 5.49 -21.06 24.03
CA TYR B 37 6.91 -21.30 24.12
C TYR B 37 7.19 -22.61 24.87
N GLN B 38 8.35 -23.19 24.58
CA GLN B 38 8.87 -24.32 25.33
C GLN B 38 10.22 -23.87 25.88
N GLN B 39 10.49 -24.13 27.15
CA GLN B 39 11.78 -23.85 27.76
C GLN B 39 12.32 -25.10 28.43
N LYS B 40 13.49 -25.56 27.95
CA LYS B 40 14.17 -26.69 28.58
C LYS B 40 15.24 -26.15 29.52
N PRO B 41 15.42 -26.80 30.69
CA PRO B 41 16.12 -26.17 31.82
C PRO B 41 17.49 -25.67 31.38
N GLY B 42 17.79 -24.40 31.65
CA GLY B 42 19.11 -23.86 31.39
C GLY B 42 19.23 -23.21 30.01
N LYS B 43 18.43 -23.69 29.05
CA LYS B 43 18.38 -23.16 27.70
C LYS B 43 17.34 -22.04 27.64
N ALA B 44 17.44 -21.15 26.64
CA ALA B 44 16.47 -20.09 26.41
C ALA B 44 15.16 -20.65 25.85
N PRO B 45 14.04 -19.90 25.85
CA PRO B 45 12.78 -20.40 25.32
C PRO B 45 12.82 -20.57 23.81
N LYS B 46 11.88 -21.38 23.28
CA LYS B 46 11.72 -21.52 21.84
C LYS B 46 10.25 -21.34 21.48
N LEU B 47 10.03 -20.59 20.40
CA LEU B 47 8.70 -20.32 19.88
C LEU B 47 8.14 -21.59 19.25
N LEU B 48 6.96 -22.01 19.74
CA LEU B 48 6.23 -23.13 19.18
C LEU B 48 5.12 -22.59 18.27
N ILE B 49 4.20 -21.86 18.91
CA ILE B 49 2.93 -21.43 18.33
C ILE B 49 2.85 -19.90 18.41
N TYR B 50 2.52 -19.26 17.27
CA TYR B 50 2.26 -17.83 17.20
C TYR B 50 0.90 -17.63 16.54
N GLY B 51 0.13 -16.68 17.09
CA GLY B 51 -1.22 -16.43 16.65
C GLY B 51 -2.18 -17.53 17.07
N ALA B 52 -1.86 -18.19 18.20
CA ALA B 52 -2.70 -19.16 18.89
C ALA B 52 -2.79 -20.49 18.16
N SER B 53 -2.41 -20.56 16.86
CA SER B 53 -2.71 -21.72 16.02
C SER B 53 -1.57 -22.10 15.06
N SER B 54 -0.96 -21.12 14.36
CA SER B 54 0.09 -21.41 13.38
C SER B 54 1.41 -21.80 14.07
N LEU B 55 2.14 -22.77 13.49
CA LEU B 55 3.42 -23.29 14.01
C LEU B 55 4.61 -22.53 13.42
N GLN B 56 5.67 -22.38 14.21
CA GLN B 56 6.92 -21.79 13.76
C GLN B 56 7.67 -22.84 12.93
N SER B 57 8.49 -22.41 11.96
CA SER B 57 9.22 -23.34 11.12
C SER B 57 10.21 -24.13 11.99
N GLY B 58 10.11 -25.47 11.93
CA GLY B 58 10.98 -26.35 12.69
C GLY B 58 10.17 -27.21 13.67
N VAL B 59 9.06 -26.66 14.17
CA VAL B 59 8.26 -27.34 15.17
C VAL B 59 7.48 -28.51 14.54
N PRO B 60 7.51 -29.72 15.14
CA PRO B 60 6.73 -30.86 14.62
C PRO B 60 5.22 -30.77 14.84
N SER B 61 4.47 -31.45 13.96
CA SER B 61 3.03 -31.29 13.85
C SER B 61 2.28 -31.84 15.08
N ARG B 62 2.98 -32.54 15.99
CA ARG B 62 2.34 -33.08 17.19
C ARG B 62 1.96 -31.95 18.16
N PHE B 63 2.74 -30.86 18.20
CA PHE B 63 2.40 -29.65 18.92
C PHE B 63 1.34 -28.86 18.12
N SER B 64 0.14 -28.68 18.68
CA SER B 64 -0.92 -27.91 18.03
C SER B 64 -1.58 -26.93 19.01
N GLY B 65 -1.62 -25.65 18.61
CA GLY B 65 -2.27 -24.60 19.36
C GLY B 65 -3.71 -24.33 18.88
N SER B 66 -4.60 -24.14 19.85
CA SER B 66 -6.03 -23.90 19.64
C SER B 66 -6.55 -22.89 20.64
N GLY B 67 -7.80 -22.44 20.41
CA GLY B 67 -8.50 -21.49 21.26
C GLY B 67 -8.58 -20.08 20.67
N SER B 68 -9.67 -19.36 21.03
CA SER B 68 -9.83 -17.94 20.76
C SER B 68 -10.76 -17.35 21.83
N GLY B 69 -10.42 -16.13 22.28
CA GLY B 69 -11.22 -15.45 23.28
C GLY B 69 -10.47 -15.39 24.61
N THR B 70 -10.84 -16.33 25.50
CA THR B 70 -10.28 -16.39 26.85
C THR B 70 -9.50 -17.68 27.04
N ASP B 71 -10.08 -18.82 26.63
CA ASP B 71 -9.53 -20.15 26.85
C ASP B 71 -8.75 -20.61 25.62
N PHE B 72 -7.48 -21.02 25.83
CA PHE B 72 -6.61 -21.52 24.77
C PHE B 72 -5.91 -22.79 25.27
N THR B 73 -5.66 -23.75 24.38
CA THR B 73 -5.00 -25.00 24.78
C THR B 73 -3.87 -25.36 23.81
N LEU B 74 -2.70 -25.72 24.38
CA LEU B 74 -1.62 -26.37 23.66
C LEU B 74 -1.75 -27.88 23.82
N THR B 75 -1.82 -28.59 22.69
CA THR B 75 -1.96 -30.05 22.70
C THR B 75 -0.73 -30.70 22.05
N ILE B 76 -0.11 -31.64 22.78
CA ILE B 76 1.06 -32.36 22.28
C ILE B 76 0.70 -33.83 22.17
N SER B 77 0.41 -34.29 20.93
CA SER B 77 0.09 -35.69 20.71
C SER B 77 1.40 -36.50 20.71
N SER B 78 1.33 -37.83 20.93
CA SER B 78 2.48 -38.71 20.91
C SER B 78 3.68 -38.07 21.64
N LEU B 79 3.54 -37.86 22.95
CA LEU B 79 4.56 -37.24 23.77
C LEU B 79 5.91 -37.87 23.40
N GLN B 80 6.91 -37.04 23.10
CA GLN B 80 8.24 -37.53 22.79
C GLN B 80 9.23 -37.11 23.90
N PRO B 81 10.34 -37.84 24.09
CA PRO B 81 11.31 -37.53 25.15
C PRO B 81 11.77 -36.07 25.24
N GLU B 82 11.96 -35.44 24.08
CA GLU B 82 12.49 -34.09 24.00
C GLU B 82 11.39 -33.05 24.27
N ASP B 83 10.17 -33.53 24.54
CA ASP B 83 9.01 -32.68 24.77
C ASP B 83 8.74 -32.53 26.28
N PHE B 84 9.71 -32.91 27.12
CA PHE B 84 9.60 -32.71 28.56
C PHE B 84 10.29 -31.40 28.92
N ALA B 85 9.46 -30.38 29.23
CA ALA B 85 9.95 -29.04 29.50
C ALA B 85 8.87 -28.22 30.21
N THR B 86 9.21 -26.98 30.60
CA THR B 86 8.21 -26.02 31.05
C THR B 86 7.68 -25.29 29.81
N TYR B 87 6.35 -25.17 29.69
CA TYR B 87 5.71 -24.46 28.59
C TYR B 87 5.08 -23.17 29.09
N TYR B 88 5.28 -22.08 28.35
CA TYR B 88 4.76 -20.76 28.65
C TYR B 88 3.84 -20.28 27.53
N CYS B 89 2.75 -19.57 27.88
CA CYS B 89 1.87 -18.93 26.91
C CYS B 89 1.98 -17.42 27.06
N GLN B 90 2.19 -16.69 25.97
CA GLN B 90 2.35 -15.24 26.00
C GLN B 90 1.22 -14.59 25.22
N GLN B 91 0.81 -13.38 25.62
CA GLN B 91 -0.19 -12.58 24.89
C GLN B 91 0.51 -11.37 24.28
N TYR B 92 0.11 -10.94 23.06
CA TYR B 92 0.68 -9.76 22.42
C TYR B 92 -0.46 -8.78 22.07
N TYR B 93 -1.63 -9.07 22.65
CA TYR B 93 -2.78 -8.19 22.59
C TYR B 93 -2.30 -6.80 22.99
N THR B 94 -1.62 -6.73 24.15
CA THR B 94 -0.91 -5.53 24.58
C THR B 94 0.59 -5.79 24.47
N TRP B 95 1.30 -4.82 23.91
CA TRP B 95 2.74 -4.90 23.66
C TRP B 95 3.53 -4.22 24.77
N VAL B 96 2.80 -3.34 25.47
CA VAL B 96 3.31 -2.53 26.56
C VAL B 96 2.32 -2.69 27.71
N PRO B 97 2.37 -3.78 28.51
CA PRO B 97 3.37 -4.85 28.40
C PRO B 97 2.83 -6.15 27.86
N PHE B 98 3.65 -6.97 27.18
CA PHE B 98 3.17 -8.32 26.89
C PHE B 98 3.36 -9.13 28.16
N THR B 99 2.37 -10.02 28.44
CA THR B 99 2.37 -10.79 29.67
C THR B 99 2.39 -12.28 29.34
N PHE B 100 3.10 -13.05 30.20
CA PHE B 100 3.22 -14.49 30.06
C PHE B 100 2.45 -15.23 31.16
N GLY B 101 2.19 -16.52 30.93
CA GLY B 101 1.65 -17.39 31.97
C GLY B 101 2.74 -17.78 32.97
N GLN B 102 2.33 -18.37 34.10
CA GLN B 102 3.26 -18.78 35.13
C GLN B 102 4.09 -19.96 34.63
N GLY B 103 3.63 -20.64 33.57
CA GLY B 103 4.31 -21.81 33.02
C GLY B 103 3.67 -23.09 33.54
N THR B 104 3.66 -24.15 32.70
CA THR B 104 3.28 -25.50 33.11
C THR B 104 4.47 -26.42 32.88
N LYS B 105 4.89 -27.12 33.95
CA LYS B 105 6.02 -28.03 33.92
C LYS B 105 5.52 -29.42 33.55
N LEU B 106 6.07 -29.97 32.46
CA LEU B 106 5.69 -31.29 31.97
C LEU B 106 6.75 -32.28 32.42
N GLU B 107 6.31 -33.36 33.13
CA GLU B 107 7.21 -34.30 33.80
C GLU B 107 6.85 -35.74 33.41
N ILE B 108 7.56 -36.72 34.00
CA ILE B 108 7.38 -38.14 33.70
C ILE B 108 6.74 -38.85 34.90
N LYS B 109 6.19 -40.07 34.71
CA LYS B 109 5.83 -40.92 35.83
C LYS B 109 6.96 -41.93 36.05
N ASP C 3 -31.83 -6.81 37.38
CA ASP C 3 -30.84 -5.88 37.98
C ASP C 3 -30.61 -4.70 37.03
N PRO C 4 -30.34 -3.49 37.56
CA PRO C 4 -30.23 -2.27 36.76
C PRO C 4 -29.07 -2.21 35.74
N CYS C 5 -27.99 -2.97 35.97
CA CYS C 5 -26.80 -2.88 35.15
C CYS C 5 -27.07 -3.28 33.70
N SER C 6 -28.16 -4.03 33.46
CA SER C 6 -28.59 -4.33 32.11
C SER C 6 -28.74 -3.05 31.29
N ASN C 7 -29.18 -1.97 31.96
CA ASN C 7 -29.51 -0.67 31.36
C ASN C 7 -28.29 0.24 31.15
N CYS C 8 -27.08 -0.22 31.48
CA CYS C 8 -25.89 0.58 31.22
C CYS C 8 -25.58 0.53 29.74
N PRO C 9 -25.41 1.69 29.08
CA PRO C 9 -25.12 1.73 27.65
C PRO C 9 -23.67 1.39 27.34
N ALA C 10 -23.38 1.16 26.07
CA ALA C 10 -21.99 0.94 25.66
C ALA C 10 -21.16 2.17 26.03
N GLY C 11 -19.90 1.93 26.42
CA GLY C 11 -19.01 3.00 26.83
C GLY C 11 -19.10 3.27 28.33
N THR C 12 -19.95 2.51 29.03
CA THR C 12 -20.00 2.53 30.48
C THR C 12 -19.90 1.09 31.00
N PHE C 13 -19.59 0.97 32.30
CA PHE C 13 -19.59 -0.29 33.01
C PHE C 13 -20.46 -0.17 34.27
N CYS C 14 -21.07 -1.27 34.74
CA CYS C 14 -21.85 -1.22 35.95
C CYS C 14 -20.94 -0.99 37.14
N ASP C 15 -21.21 0.09 37.90
CA ASP C 15 -20.40 0.46 39.04
C ASP C 15 -21.04 -0.15 40.31
N ASN C 16 -20.19 -0.58 41.23
CA ASN C 16 -20.67 -1.01 42.54
C ASN C 16 -20.90 0.22 43.40
N ASN C 17 -20.13 1.28 43.13
CA ASN C 17 -20.32 2.54 43.83
C ASN C 17 -21.80 2.85 43.82
N ARG C 18 -22.31 3.24 45.00
CA ARG C 18 -23.69 3.61 45.11
C ARG C 18 -23.82 5.05 44.62
N ASN C 19 -25.07 5.50 44.46
CA ASN C 19 -25.30 6.87 44.06
C ASN C 19 -24.87 7.00 42.59
N GLN C 20 -24.84 5.86 41.87
CA GLN C 20 -24.60 5.78 40.43
C GLN C 20 -24.79 4.33 39.99
N ILE C 21 -25.55 4.10 38.93
CA ILE C 21 -25.73 2.74 38.46
C ILE C 21 -24.49 2.36 37.68
N CYS C 22 -24.16 3.15 36.66
CA CYS C 22 -23.01 2.92 35.81
C CYS C 22 -22.00 4.05 35.99
N SER C 23 -20.87 3.93 35.28
CA SER C 23 -19.85 4.94 35.17
C SER C 23 -19.22 4.83 33.79
N PRO C 24 -18.63 5.90 33.25
CA PRO C 24 -18.01 5.83 31.94
C PRO C 24 -16.71 5.04 32.05
N CYS C 25 -16.41 4.28 30.98
CA CYS C 25 -15.19 3.49 30.86
C CYS C 25 -13.96 4.34 31.11
N PRO C 26 -13.00 3.87 31.93
CA PRO C 26 -11.74 4.59 32.14
C PRO C 26 -10.98 4.77 30.83
N PRO C 27 -9.94 5.63 30.78
CA PRO C 27 -9.16 5.78 29.56
C PRO C 27 -8.50 4.46 29.17
N ASN C 28 -8.37 4.21 27.86
CA ASN C 28 -7.66 3.04 27.36
C ASN C 28 -8.44 1.76 27.64
N SER C 29 -9.77 1.88 27.77
CA SER C 29 -10.63 0.73 27.99
C SER C 29 -11.99 1.01 27.35
N PHE C 30 -12.61 -0.02 26.77
CA PHE C 30 -13.85 0.12 26.04
C PHE C 30 -14.90 -0.89 26.49
N SER C 31 -16.16 -0.57 26.23
CA SER C 31 -17.30 -1.43 26.51
C SER C 31 -18.24 -1.30 25.31
N SER C 32 -18.18 -2.25 24.36
CA SER C 32 -18.94 -2.14 23.11
C SER C 32 -20.39 -2.61 23.31
N ALA C 33 -20.72 -3.20 24.47
CA ALA C 33 -22.08 -3.61 24.76
C ALA C 33 -22.50 -3.07 26.12
N GLY C 34 -23.81 -3.06 26.35
CA GLY C 34 -24.34 -2.54 27.60
C GLY C 34 -24.49 -3.65 28.63
N GLY C 35 -24.19 -3.35 29.88
CA GLY C 35 -24.36 -4.32 30.97
C GLY C 35 -23.05 -4.66 31.67
N GLN C 36 -21.95 -4.70 30.92
CA GLN C 36 -20.68 -5.26 31.37
C GLN C 36 -20.30 -4.68 32.75
N ARG C 37 -19.80 -5.52 33.67
CA ARG C 37 -19.33 -5.08 34.97
C ARG C 37 -17.92 -4.50 34.88
N THR C 38 -17.34 -4.56 33.67
CA THR C 38 -15.97 -4.16 33.45
C THR C 38 -15.76 -3.75 31.98
N CYS C 39 -14.91 -2.73 31.79
CA CYS C 39 -14.45 -2.33 30.47
C CYS C 39 -13.20 -3.16 30.16
N ASP C 40 -13.08 -3.63 28.91
CA ASP C 40 -11.91 -4.39 28.47
C ASP C 40 -10.81 -3.42 28.04
N ILE C 41 -9.54 -3.82 28.24
CA ILE C 41 -8.41 -2.98 27.87
C ILE C 41 -8.34 -2.92 26.36
N CYS C 42 -8.05 -1.73 25.82
CA CYS C 42 -7.90 -1.52 24.40
C CYS C 42 -6.69 -2.31 23.90
N ARG C 43 -6.86 -2.98 22.76
CA ARG C 43 -5.78 -3.69 22.11
C ARG C 43 -4.77 -2.69 21.59
N GLN C 44 -3.48 -3.00 21.79
CA GLN C 44 -2.41 -2.18 21.25
C GLN C 44 -1.99 -2.66 19.87
N CYS C 45 -1.92 -1.67 18.96
CA CYS C 45 -1.41 -1.86 17.62
C CYS C 45 0.06 -1.43 17.56
N LYS C 46 0.95 -2.24 18.16
CA LYS C 46 2.37 -1.95 18.23
C LYS C 46 3.17 -3.16 17.78
N GLY C 47 4.51 -3.08 17.92
CA GLY C 47 5.41 -4.12 17.42
C GLY C 47 5.31 -4.26 15.89
N VAL C 48 4.70 -5.36 15.43
CA VAL C 48 4.55 -5.64 14.01
C VAL C 48 3.15 -5.25 13.55
N PHE C 49 2.45 -4.43 14.35
CA PHE C 49 1.12 -3.97 13.98
C PHE C 49 1.12 -2.45 13.91
N ARG C 50 0.01 -1.91 13.36
CA ARG C 50 -0.09 -0.48 13.13
C ARG C 50 -1.54 -0.08 13.39
N THR C 51 -1.75 1.13 13.90
CA THR C 51 -3.06 1.59 14.32
C THR C 51 -3.91 1.94 13.10
N ARG C 52 -4.92 1.12 12.82
CA ARG C 52 -5.86 1.42 11.74
C ARG C 52 -6.92 2.36 12.29
N LYS C 53 -7.77 1.84 13.18
CA LYS C 53 -8.74 2.63 13.91
C LYS C 53 -8.24 2.84 15.34
N GLU C 54 -8.62 3.97 15.94
CA GLU C 54 -8.30 4.29 17.32
C GLU C 54 -9.31 3.64 18.27
N CYS C 55 -8.96 3.55 19.56
CA CYS C 55 -9.85 3.02 20.57
C CYS C 55 -10.73 4.14 21.15
N SER C 56 -12.05 3.93 21.09
CA SER C 56 -13.05 4.76 21.76
C SER C 56 -13.65 3.99 22.93
N SER C 57 -14.32 4.66 23.86
CA SER C 57 -14.98 3.98 24.97
C SER C 57 -16.03 2.94 24.52
N THR C 58 -16.37 2.94 23.22
CA THR C 58 -17.40 2.04 22.70
C THR C 58 -16.89 1.10 21.60
N SER C 59 -15.61 1.22 21.21
CA SER C 59 -15.05 0.37 20.18
C SER C 59 -13.57 0.10 20.47
N ASN C 60 -13.12 -1.12 20.19
CA ASN C 60 -11.72 -1.47 20.29
C ASN C 60 -10.95 -0.79 19.15
N ALA C 61 -9.63 -0.66 19.33
CA ALA C 61 -8.74 -0.21 18.28
C ALA C 61 -8.65 -1.34 17.25
N GLU C 62 -8.77 -0.99 15.97
CA GLU C 62 -8.64 -1.98 14.90
C GLU C 62 -7.20 -1.94 14.41
N CYS C 63 -6.64 -3.12 14.12
CA CYS C 63 -5.22 -3.19 13.79
C CYS C 63 -5.01 -3.41 12.30
N ASP C 64 -3.84 -2.94 11.86
CA ASP C 64 -3.47 -2.89 10.44
C ASP C 64 -2.06 -3.47 10.31
N CYS C 65 -1.69 -3.86 9.08
CA CYS C 65 -0.37 -4.42 8.83
C CYS C 65 0.46 -3.45 7.99
N THR C 66 1.79 -3.58 8.13
CA THR C 66 2.80 -2.87 7.35
C THR C 66 2.47 -2.92 5.85
N PRO C 67 3.01 -2.01 5.00
CA PRO C 67 2.96 -2.19 3.56
C PRO C 67 3.78 -3.42 3.14
N GLY C 68 3.30 -4.16 2.14
CA GLY C 68 3.92 -5.38 1.68
C GLY C 68 3.51 -6.57 2.55
N PHE C 69 2.59 -6.35 3.50
CA PHE C 69 2.03 -7.36 4.39
C PHE C 69 0.51 -7.24 4.43
N HIS C 70 -0.19 -8.24 4.99
CA HIS C 70 -1.64 -8.19 5.12
C HIS C 70 -2.06 -8.77 6.47
N CYS C 71 -3.21 -8.29 6.97
CA CYS C 71 -3.80 -8.76 8.21
C CYS C 71 -4.32 -10.18 8.02
N LEU C 72 -3.79 -11.10 8.82
CA LEU C 72 -4.22 -12.48 8.78
C LEU C 72 -4.70 -12.85 10.17
N GLY C 73 -5.91 -13.42 10.23
CA GLY C 73 -6.43 -14.01 11.45
C GLY C 73 -7.53 -13.14 12.03
N ALA C 74 -8.35 -13.75 12.90
CA ALA C 74 -9.49 -13.11 13.53
C ALA C 74 -9.05 -11.83 14.25
N GLY C 75 -9.68 -10.72 13.89
CA GLY C 75 -9.33 -9.41 14.42
C GLY C 75 -7.88 -9.02 14.13
N CYS C 76 -7.34 -9.52 13.01
CA CYS C 76 -5.97 -9.25 12.63
C CYS C 76 -5.03 -9.63 13.78
N SER C 77 -4.95 -10.92 14.06
CA SER C 77 -4.03 -11.46 15.06
C SER C 77 -2.72 -11.91 14.42
N MET C 78 -2.41 -11.45 13.19
CA MET C 78 -1.17 -11.80 12.50
C MET C 78 -0.86 -10.77 11.41
N CYS C 79 0.43 -10.73 11.03
CA CYS C 79 0.87 -10.00 9.85
C CYS C 79 1.60 -10.92 8.88
N GLU C 80 0.87 -11.49 7.91
CA GLU C 80 1.45 -12.33 6.88
C GLU C 80 2.03 -11.46 5.76
N GLN C 81 3.12 -11.92 5.14
CA GLN C 81 3.75 -11.21 4.04
C GLN C 81 2.97 -11.47 2.75
N ASP C 82 2.86 -10.43 1.90
CA ASP C 82 2.07 -10.49 0.68
C ASP C 82 2.47 -11.69 -0.17
N CYS C 83 1.44 -12.42 -0.60
CA CYS C 83 1.57 -13.75 -1.16
C CYS C 83 2.34 -13.73 -2.47
N LYS C 84 3.30 -14.64 -2.57
CA LYS C 84 4.29 -14.68 -3.65
C LYS C 84 3.64 -15.30 -4.87
N GLN C 85 4.33 -15.16 -6.00
CA GLN C 85 3.90 -15.73 -7.27
C GLN C 85 3.65 -17.23 -7.11
N GLY C 86 2.55 -17.75 -7.63
CA GLY C 86 2.30 -19.19 -7.59
C GLY C 86 1.41 -19.66 -6.43
N GLN C 87 0.81 -18.68 -5.72
CA GLN C 87 -0.12 -18.95 -4.65
C GLN C 87 -0.98 -17.72 -4.38
N GLU C 88 -2.16 -17.99 -3.78
CA GLU C 88 -3.17 -17.00 -3.49
C GLU C 88 -3.44 -16.91 -1.99
N LEU C 89 -3.86 -15.74 -1.52
CA LEU C 89 -4.19 -15.54 -0.13
C LEU C 89 -5.60 -16.05 0.15
N THR C 90 -5.70 -17.07 1.04
CA THR C 90 -6.95 -17.68 1.47
C THR C 90 -7.22 -17.32 2.93
N LYS C 91 -8.36 -17.81 3.47
CA LYS C 91 -8.71 -17.54 4.85
C LYS C 91 -7.60 -18.01 5.78
N LYS C 92 -6.94 -19.14 5.45
CA LYS C 92 -6.00 -19.81 6.33
C LYS C 92 -4.58 -19.43 5.92
N GLY C 93 -4.44 -18.16 5.52
CA GLY C 93 -3.20 -17.59 5.03
C GLY C 93 -2.96 -17.95 3.57
N CYS C 94 -1.68 -18.02 3.24
CA CYS C 94 -1.14 -18.07 1.90
C CYS C 94 -1.00 -19.53 1.45
N LYS C 95 -1.82 -19.99 0.50
CA LYS C 95 -1.82 -21.38 0.05
C LYS C 95 -1.52 -21.45 -1.45
N ASP C 96 -0.86 -22.52 -1.91
CA ASP C 96 -0.47 -22.71 -3.30
C ASP C 96 -1.69 -22.94 -4.18
N CYS C 97 -1.53 -22.58 -5.46
CA CYS C 97 -2.56 -22.73 -6.48
C CYS C 97 -2.88 -24.21 -6.67
N SER C 98 -4.13 -24.48 -7.05
CA SER C 98 -4.60 -25.84 -7.31
C SER C 98 -4.02 -26.32 -8.64
N PHE C 99 -4.10 -27.63 -8.88
CA PHE C 99 -3.68 -28.15 -10.17
C PHE C 99 -4.65 -27.57 -11.19
N GLY C 100 -4.11 -26.95 -12.25
CA GLY C 100 -4.93 -26.49 -13.35
C GLY C 100 -5.19 -24.99 -13.30
N THR C 101 -4.67 -24.33 -12.25
CA THR C 101 -4.75 -22.88 -12.05
C THR C 101 -3.36 -22.31 -11.88
N PHE C 102 -3.23 -20.99 -11.97
CA PHE C 102 -1.93 -20.34 -11.90
C PHE C 102 -2.05 -18.89 -11.43
N ASN C 103 -0.99 -18.39 -10.79
CA ASN C 103 -0.86 -16.98 -10.47
C ASN C 103 0.55 -16.55 -10.87
N ASP C 104 0.66 -15.68 -11.88
CA ASP C 104 1.98 -15.37 -12.44
C ASP C 104 2.54 -14.07 -11.87
N GLN C 105 1.97 -13.59 -10.76
CA GLN C 105 2.37 -12.32 -10.20
C GLN C 105 2.31 -12.39 -8.68
N LYS C 106 2.95 -11.42 -8.01
CA LYS C 106 2.75 -11.20 -6.59
C LYS C 106 1.42 -10.48 -6.42
N ARG C 107 0.86 -10.57 -5.20
CA ARG C 107 -0.47 -10.09 -4.90
C ARG C 107 -1.40 -10.42 -6.06
N GLY C 108 -1.63 -11.72 -6.25
CA GLY C 108 -2.49 -12.20 -7.32
C GLY C 108 -3.44 -13.28 -6.81
N ILE C 109 -4.21 -13.84 -7.75
CA ILE C 109 -5.24 -14.83 -7.49
C ILE C 109 -5.14 -15.93 -8.55
N CYS C 110 -5.29 -17.19 -8.12
CA CYS C 110 -5.20 -18.33 -9.02
C CYS C 110 -6.40 -18.32 -9.97
N ARG C 111 -6.14 -18.16 -11.26
CA ARG C 111 -7.17 -18.20 -12.30
C ARG C 111 -6.86 -19.40 -13.20
N PRO C 112 -7.83 -20.20 -13.66
CA PRO C 112 -7.58 -21.41 -14.45
C PRO C 112 -6.73 -21.24 -15.69
N TRP C 113 -6.05 -22.31 -16.10
CA TRP C 113 -5.22 -22.33 -17.29
C TRP C 113 -6.10 -22.16 -18.52
N THR C 114 -5.56 -21.49 -19.53
CA THR C 114 -6.21 -21.38 -20.83
C THR C 114 -6.50 -22.78 -21.37
N ASP C 115 -7.75 -23.03 -21.82
CA ASP C 115 -8.10 -24.27 -22.50
C ASP C 115 -7.85 -24.12 -24.01
N CYS C 116 -6.67 -24.54 -24.50
CA CYS C 116 -6.27 -24.31 -25.88
C CYS C 116 -7.27 -24.87 -26.90
N SER C 117 -7.77 -26.09 -26.69
CA SER C 117 -8.77 -26.72 -27.55
C SER C 117 -9.97 -25.82 -27.81
N LEU C 118 -10.51 -25.20 -26.72
CA LEU C 118 -11.65 -24.31 -26.80
C LEU C 118 -11.50 -23.31 -27.95
N ASP C 119 -10.26 -22.89 -28.25
CA ASP C 119 -9.97 -22.00 -29.36
C ASP C 119 -9.27 -22.72 -30.51
N GLY C 120 -9.57 -24.02 -30.66
CA GLY C 120 -9.08 -24.86 -31.74
C GLY C 120 -7.56 -25.00 -31.75
N LYS C 121 -6.95 -24.94 -30.56
CA LYS C 121 -5.49 -24.95 -30.42
C LYS C 121 -5.04 -26.15 -29.58
N SER C 122 -3.72 -26.33 -29.50
CA SER C 122 -3.16 -27.46 -28.81
C SER C 122 -2.18 -26.97 -27.76
N VAL C 123 -1.98 -27.82 -26.75
CA VAL C 123 -1.23 -27.48 -25.55
C VAL C 123 0.26 -27.64 -25.86
N LEU C 124 0.90 -26.59 -26.36
CA LEU C 124 2.31 -26.67 -26.71
C LEU C 124 3.14 -26.97 -25.47
N VAL C 125 3.06 -26.06 -24.49
CA VAL C 125 3.72 -26.17 -23.19
C VAL C 125 2.65 -26.24 -22.11
N GLN C 126 2.84 -27.10 -21.12
CA GLN C 126 1.87 -27.23 -20.05
C GLN C 126 2.11 -26.07 -19.07
N GLY C 127 1.13 -25.79 -18.20
CA GLY C 127 1.23 -24.71 -17.25
C GLY C 127 1.75 -25.21 -15.91
N THR C 128 2.21 -24.29 -15.05
CA THR C 128 2.64 -24.61 -13.69
C THR C 128 1.72 -23.91 -12.70
N LYS C 129 2.13 -23.82 -11.43
CA LYS C 129 1.39 -23.01 -10.48
C LYS C 129 1.66 -21.51 -10.70
N GLU C 130 2.67 -21.21 -11.53
CA GLU C 130 3.13 -19.85 -11.72
C GLU C 130 3.03 -19.37 -13.18
N ARG C 131 2.70 -20.24 -14.12
CA ARG C 131 2.67 -19.84 -15.53
C ARG C 131 1.48 -20.50 -16.21
N ASP C 132 0.99 -19.85 -17.28
CA ASP C 132 -0.13 -20.39 -18.04
C ASP C 132 0.39 -21.33 -19.12
N VAL C 133 -0.53 -22.18 -19.58
CA VAL C 133 -0.35 -23.08 -20.72
C VAL C 133 -0.07 -22.27 -21.99
N VAL C 134 1.05 -22.50 -22.67
CA VAL C 134 1.31 -21.88 -23.97
C VAL C 134 0.67 -22.74 -25.06
N CYS C 135 -0.13 -22.10 -25.95
CA CYS C 135 -0.88 -22.84 -26.95
C CYS C 135 -0.08 -22.90 -28.24
N GLY C 136 -0.46 -23.84 -29.14
CA GLY C 136 0.05 -23.92 -30.50
C GLY C 136 -1.07 -24.26 -31.48
N PRO C 137 -0.85 -24.26 -32.81
CA PRO C 137 -1.92 -24.62 -33.76
C PRO C 137 -2.15 -26.14 -33.74
N GLY C 138 -3.32 -26.59 -34.22
CA GLY C 138 -3.75 -27.99 -34.11
C GLY C 138 -3.37 -28.80 -35.34
N ASP D 3 -31.79 12.62 -47.12
CA ASP D 3 -32.35 12.30 -45.78
C ASP D 3 -32.46 13.60 -44.98
N PRO D 4 -33.48 13.71 -44.10
CA PRO D 4 -33.76 14.96 -43.40
C PRO D 4 -32.69 15.45 -42.40
N CYS D 5 -31.88 14.52 -41.87
CA CYS D 5 -30.94 14.81 -40.79
C CYS D 5 -29.91 15.83 -41.22
N SER D 6 -29.69 15.99 -42.53
CA SER D 6 -28.82 17.03 -43.04
C SER D 6 -29.25 18.40 -42.49
N ASN D 7 -30.57 18.57 -42.33
CA ASN D 7 -31.21 19.82 -41.95
C ASN D 7 -31.25 20.06 -40.43
N CYS D 8 -30.66 19.17 -39.63
CA CYS D 8 -30.60 19.38 -38.19
C CYS D 8 -29.53 20.41 -37.91
N PRO D 9 -29.84 21.48 -37.15
CA PRO D 9 -28.86 22.54 -36.88
C PRO D 9 -27.87 22.15 -35.80
N ALA D 10 -26.83 22.95 -35.63
CA ALA D 10 -25.91 22.74 -34.53
C ALA D 10 -26.66 22.78 -33.21
N GLY D 11 -26.23 21.98 -32.23
CA GLY D 11 -26.88 21.91 -30.94
C GLY D 11 -27.96 20.84 -30.91
N THR D 12 -28.18 20.15 -32.05
CA THR D 12 -29.09 19.03 -32.13
C THR D 12 -28.40 17.86 -32.80
N PHE D 13 -28.98 16.66 -32.62
CA PHE D 13 -28.56 15.43 -33.27
C PHE D 13 -29.76 14.78 -33.96
N CYS D 14 -29.53 14.06 -35.07
CA CYS D 14 -30.63 13.41 -35.74
C CYS D 14 -31.14 12.27 -34.88
N ASP D 15 -32.44 12.28 -34.57
CA ASP D 15 -33.03 11.28 -33.71
C ASP D 15 -33.74 10.22 -34.53
N ASN D 16 -33.51 8.95 -34.20
CA ASN D 16 -34.26 7.87 -34.82
C ASN D 16 -35.69 7.92 -34.27
N ASN D 17 -35.82 8.41 -33.03
CA ASN D 17 -37.11 8.56 -32.38
C ASN D 17 -38.09 9.10 -33.41
N ARG D 18 -39.24 8.40 -33.56
CA ARG D 18 -40.25 8.78 -34.53
C ARG D 18 -40.85 10.12 -34.10
N ASN D 19 -41.48 10.84 -35.06
CA ASN D 19 -42.17 12.08 -34.74
C ASN D 19 -41.20 13.16 -34.27
N GLN D 20 -39.93 13.09 -34.70
CA GLN D 20 -38.93 14.12 -34.38
C GLN D 20 -37.71 13.84 -35.22
N ILE D 21 -37.50 14.69 -36.25
CA ILE D 21 -36.33 14.53 -37.10
C ILE D 21 -35.07 14.74 -36.27
N CYS D 22 -35.04 15.83 -35.49
CA CYS D 22 -33.91 16.12 -34.62
C CYS D 22 -34.37 16.30 -33.17
N SER D 23 -33.40 16.29 -32.25
CA SER D 23 -33.63 16.47 -30.83
C SER D 23 -32.43 17.17 -30.26
N PRO D 24 -32.58 18.08 -29.29
CA PRO D 24 -31.46 18.87 -28.78
C PRO D 24 -30.47 17.98 -28.03
N CYS D 25 -29.18 18.35 -28.15
CA CYS D 25 -28.07 17.69 -27.49
C CYS D 25 -28.33 17.51 -25.99
N PRO D 26 -28.08 16.31 -25.43
CA PRO D 26 -28.19 16.11 -23.99
C PRO D 26 -27.25 17.02 -23.21
N PRO D 27 -27.41 17.19 -21.89
CA PRO D 27 -26.46 17.98 -21.11
C PRO D 27 -25.07 17.35 -21.18
N ASN D 28 -24.04 18.18 -21.16
CA ASN D 28 -22.66 17.72 -21.17
C ASN D 28 -22.32 17.07 -22.50
N SER D 29 -22.98 17.50 -23.58
CA SER D 29 -22.65 17.06 -24.93
C SER D 29 -22.99 18.17 -25.92
N PHE D 30 -22.19 18.28 -26.98
CA PHE D 30 -22.35 19.37 -27.95
C PHE D 30 -22.34 18.82 -29.38
N SER D 31 -22.91 19.63 -30.28
CA SER D 31 -22.95 19.34 -31.71
C SER D 31 -22.66 20.64 -32.44
N SER D 32 -21.41 20.87 -32.85
CA SER D 32 -21.00 22.13 -33.42
C SER D 32 -21.39 22.25 -34.91
N ALA D 33 -21.84 21.13 -35.53
CA ALA D 33 -22.31 21.20 -36.92
C ALA D 33 -23.68 20.55 -37.06
N GLY D 34 -24.31 20.81 -38.21
CA GLY D 34 -25.61 20.26 -38.48
C GLY D 34 -25.49 18.92 -39.20
N GLY D 35 -26.36 17.96 -38.83
CA GLY D 35 -26.39 16.66 -39.48
C GLY D 35 -26.07 15.53 -38.51
N GLN D 36 -25.23 15.80 -37.49
CA GLN D 36 -24.59 14.74 -36.72
C GLN D 36 -25.65 13.77 -36.19
N ARG D 37 -25.35 12.46 -36.24
CA ARG D 37 -26.25 11.46 -35.69
C ARG D 37 -26.05 11.34 -34.18
N THR D 38 -25.04 12.02 -33.63
CA THR D 38 -24.72 11.97 -32.21
C THR D 38 -23.97 13.23 -31.76
N CYS D 39 -24.27 13.66 -30.53
CA CYS D 39 -23.56 14.74 -29.86
C CYS D 39 -22.30 14.16 -29.21
N ASP D 40 -21.18 14.89 -29.30
CA ASP D 40 -19.92 14.48 -28.69
C ASP D 40 -19.88 14.94 -27.25
N ILE D 41 -19.23 14.18 -26.37
CA ILE D 41 -19.15 14.49 -24.95
C ILE D 41 -18.25 15.71 -24.78
N CYS D 42 -18.65 16.63 -23.92
CA CYS D 42 -17.90 17.84 -23.63
C CYS D 42 -16.59 17.44 -22.96
N ARG D 43 -15.49 18.08 -23.39
CA ARG D 43 -14.18 17.89 -22.77
C ARG D 43 -14.20 18.41 -21.33
N GLN D 44 -13.64 17.61 -20.41
CA GLN D 44 -13.48 18.03 -19.03
C GLN D 44 -12.12 18.69 -18.82
N CYS D 45 -12.20 19.87 -18.21
CA CYS D 45 -11.03 20.66 -17.85
C CYS D 45 -10.74 20.44 -16.37
N LYS D 46 -10.22 19.26 -16.03
CA LYS D 46 -9.90 18.90 -14.65
C LYS D 46 -8.47 18.38 -14.58
N GLY D 47 -8.08 17.84 -13.42
CA GLY D 47 -6.75 17.28 -13.27
C GLY D 47 -5.71 18.39 -13.26
N VAL D 48 -5.01 18.59 -14.39
CA VAL D 48 -4.02 19.64 -14.53
C VAL D 48 -4.60 20.82 -15.29
N PHE D 49 -5.80 20.65 -15.85
CA PHE D 49 -6.42 21.68 -16.67
C PHE D 49 -7.44 22.45 -15.83
N ARG D 50 -7.96 23.53 -16.42
CA ARG D 50 -8.88 24.45 -15.77
C ARG D 50 -9.84 24.97 -16.83
N THR D 51 -11.10 25.23 -16.45
CA THR D 51 -12.14 25.54 -17.43
C THR D 51 -12.01 26.98 -17.92
N ARG D 52 -11.58 27.16 -19.17
CA ARG D 52 -11.46 28.50 -19.73
C ARG D 52 -12.83 28.93 -20.25
N LYS D 53 -13.30 28.29 -21.33
CA LYS D 53 -14.65 28.48 -21.85
C LYS D 53 -15.52 27.29 -21.40
N GLU D 54 -16.80 27.55 -21.17
CA GLU D 54 -17.75 26.51 -20.79
C GLU D 54 -18.25 25.78 -22.06
N CYS D 55 -18.84 24.59 -21.84
CA CYS D 55 -19.45 23.82 -22.91
C CYS D 55 -20.90 24.26 -23.12
N SER D 56 -21.22 24.64 -24.37
CA SER D 56 -22.57 24.90 -24.84
C SER D 56 -22.99 23.79 -25.79
N SER D 57 -24.30 23.66 -26.05
CA SER D 57 -24.78 22.61 -26.96
C SER D 57 -24.18 22.76 -28.37
N THR D 58 -23.50 23.88 -28.64
CA THR D 58 -22.97 24.16 -29.97
C THR D 58 -21.45 24.36 -29.98
N SER D 59 -20.79 24.32 -28.81
CA SER D 59 -19.35 24.47 -28.73
C SER D 59 -18.78 23.63 -27.60
N ASN D 60 -17.58 23.08 -27.81
CA ASN D 60 -16.87 22.34 -26.78
C ASN D 60 -16.35 23.32 -25.72
N ALA D 61 -16.06 22.79 -24.53
CA ALA D 61 -15.39 23.54 -23.48
C ALA D 61 -13.96 23.75 -23.92
N GLU D 62 -13.44 24.98 -23.78
CA GLU D 62 -12.05 25.26 -24.10
C GLU D 62 -11.25 25.20 -22.81
N CYS D 63 -10.02 24.71 -22.88
CA CYS D 63 -9.28 24.46 -21.66
C CYS D 63 -8.19 25.49 -21.42
N ASP D 64 -7.76 25.55 -20.16
CA ASP D 64 -6.74 26.46 -19.67
C ASP D 64 -5.79 25.66 -18.80
N CYS D 65 -4.61 26.19 -18.46
CA CYS D 65 -3.68 25.47 -17.60
C CYS D 65 -3.59 26.19 -16.25
N THR D 66 -3.18 25.44 -15.23
CA THR D 66 -2.96 25.92 -13.86
C THR D 66 -2.05 27.13 -13.84
N PRO D 67 -2.01 27.91 -12.73
CA PRO D 67 -1.14 29.09 -12.64
C PRO D 67 0.35 28.75 -12.73
N GLY D 68 1.11 29.61 -13.44
CA GLY D 68 2.54 29.40 -13.68
C GLY D 68 2.80 28.45 -14.84
N PHE D 69 1.73 28.07 -15.58
CA PHE D 69 1.78 27.12 -16.69
C PHE D 69 0.87 27.61 -17.82
N HIS D 70 1.14 27.16 -19.06
CA HIS D 70 0.40 27.59 -20.24
C HIS D 70 0.00 26.39 -21.08
N CYS D 71 -1.11 26.54 -21.82
CA CYS D 71 -1.60 25.52 -22.75
C CYS D 71 -0.57 25.20 -23.83
N LEU D 72 -0.21 23.93 -23.98
CA LEU D 72 0.62 23.47 -25.09
C LEU D 72 -0.05 22.27 -25.76
N GLY D 73 -0.04 22.24 -27.10
CA GLY D 73 -0.53 21.10 -27.85
C GLY D 73 -1.89 21.40 -28.46
N ALA D 74 -2.26 20.61 -29.49
CA ALA D 74 -3.52 20.81 -30.19
C ALA D 74 -4.70 20.72 -29.22
N GLY D 75 -5.50 21.78 -29.16
CA GLY D 75 -6.65 21.81 -28.28
C GLY D 75 -6.29 21.77 -26.80
N CYS D 76 -5.15 22.37 -26.47
CA CYS D 76 -4.62 22.39 -25.11
C CYS D 76 -4.60 20.97 -24.55
N SER D 77 -3.80 20.10 -25.17
CA SER D 77 -3.67 18.71 -24.72
C SER D 77 -2.47 18.50 -23.79
N MET D 78 -1.90 19.59 -23.23
CA MET D 78 -0.74 19.52 -22.34
C MET D 78 -0.60 20.83 -21.56
N CYS D 79 0.22 20.80 -20.50
CA CYS D 79 0.45 21.97 -19.67
C CYS D 79 1.95 22.22 -19.52
N GLU D 80 2.54 23.13 -20.33
CA GLU D 80 3.94 23.51 -20.23
C GLU D 80 4.14 24.61 -19.18
N GLN D 81 5.31 24.65 -18.55
CA GLN D 81 5.60 25.65 -17.53
C GLN D 81 6.06 26.96 -18.18
N ASP D 82 5.69 28.09 -17.55
CA ASP D 82 6.02 29.44 -18.02
C ASP D 82 7.53 29.59 -18.24
N CYS D 83 7.91 30.35 -19.29
CA CYS D 83 9.26 30.38 -19.84
C CYS D 83 10.11 31.47 -19.20
N LYS D 84 11.41 31.17 -19.04
CA LYS D 84 12.37 31.97 -18.31
C LYS D 84 13.02 32.96 -19.26
N GLN D 85 14.12 33.56 -18.78
CA GLN D 85 14.87 34.50 -19.59
C GLN D 85 15.66 33.73 -20.63
N GLY D 86 15.61 34.16 -21.89
CA GLY D 86 16.25 33.43 -22.96
C GLY D 86 15.22 32.65 -23.75
N GLN D 87 13.96 33.00 -23.52
CA GLN D 87 12.84 32.30 -24.14
C GLN D 87 11.64 33.23 -24.27
N GLU D 88 10.99 33.14 -25.43
CA GLU D 88 9.78 33.89 -25.73
C GLU D 88 8.68 32.88 -26.08
N LEU D 89 7.54 32.93 -25.38
CA LEU D 89 6.39 32.08 -25.73
C LEU D 89 5.87 32.39 -27.13
N THR D 90 5.87 31.35 -28.01
CA THR D 90 5.31 31.41 -29.35
C THR D 90 3.99 30.63 -29.43
N LYS D 91 3.30 30.72 -30.56
CA LYS D 91 2.01 30.06 -30.75
C LYS D 91 2.16 28.58 -30.44
N LYS D 92 3.17 27.93 -31.08
CA LYS D 92 3.38 26.49 -31.05
C LYS D 92 4.42 26.15 -29.98
N GLY D 93 4.23 26.79 -28.80
CA GLY D 93 5.05 26.55 -27.63
C GLY D 93 6.18 27.57 -27.55
N CYS D 94 6.88 27.56 -26.42
CA CYS D 94 7.95 28.51 -26.16
C CYS D 94 9.32 27.86 -26.29
N LYS D 95 10.20 28.54 -27.04
CA LYS D 95 11.57 28.11 -27.23
C LYS D 95 12.53 29.27 -27.03
N ASP D 96 13.84 28.94 -27.05
CA ASP D 96 14.96 29.81 -26.72
C ASP D 96 15.05 30.99 -27.69
N CYS D 97 15.68 32.09 -27.24
CA CYS D 97 15.86 33.29 -28.06
C CYS D 97 16.77 32.99 -29.24
N SER D 98 16.48 33.68 -30.35
CA SER D 98 17.13 33.49 -31.63
C SER D 98 18.53 34.10 -31.55
N PHE D 99 19.51 33.51 -32.26
CA PHE D 99 20.84 34.10 -32.28
C PHE D 99 20.72 35.52 -32.81
N GLY D 100 21.21 36.49 -32.04
CA GLY D 100 21.16 37.88 -32.42
C GLY D 100 20.05 38.65 -31.70
N THR D 101 19.24 37.93 -30.90
CA THR D 101 18.18 38.50 -30.07
C THR D 101 18.37 38.05 -28.63
N PHE D 102 17.66 38.72 -27.71
CA PHE D 102 17.83 38.43 -26.29
C PHE D 102 16.57 38.79 -25.50
N ASN D 103 16.30 38.06 -24.42
CA ASN D 103 15.22 38.37 -23.51
C ASN D 103 15.78 38.37 -22.10
N ASP D 104 15.80 39.54 -21.45
CA ASP D 104 16.41 39.67 -20.14
C ASP D 104 15.38 39.54 -19.02
N GLN D 105 14.21 38.98 -19.31
CA GLN D 105 13.12 39.00 -18.36
C GLN D 105 12.38 37.68 -18.36
N LYS D 106 11.97 37.21 -17.16
CA LYS D 106 11.11 36.03 -17.04
C LYS D 106 9.79 36.37 -17.72
N ARG D 107 9.37 35.55 -18.69
CA ARG D 107 8.16 35.86 -19.45
C ARG D 107 8.34 37.22 -20.11
N GLY D 108 9.19 37.25 -21.15
CA GLY D 108 9.37 38.45 -21.96
C GLY D 108 9.40 38.11 -23.44
N ILE D 109 9.98 39.01 -24.27
CA ILE D 109 10.05 38.81 -25.71
C ILE D 109 11.44 39.15 -26.22
N CYS D 110 11.97 38.24 -27.07
CA CYS D 110 13.28 38.36 -27.70
C CYS D 110 13.29 39.57 -28.62
N ARG D 111 14.10 40.57 -28.27
CA ARG D 111 14.31 41.74 -29.09
C ARG D 111 15.76 41.75 -29.58
N PRO D 112 16.04 42.32 -30.77
CA PRO D 112 17.39 42.28 -31.35
C PRO D 112 18.46 42.92 -30.47
N TRP D 113 19.69 42.41 -30.59
CA TRP D 113 20.86 43.01 -29.96
C TRP D 113 21.10 44.39 -30.55
N THR D 114 21.56 45.30 -29.70
CA THR D 114 22.02 46.61 -30.13
C THR D 114 23.08 46.46 -31.21
N ASP D 115 22.93 47.17 -32.35
CA ASP D 115 23.93 47.15 -33.41
C ASP D 115 24.90 48.29 -33.18
N CYS D 116 26.15 47.98 -32.79
CA CYS D 116 27.13 49.00 -32.46
C CYS D 116 27.76 49.60 -33.73
N SER D 117 27.84 48.78 -34.80
CA SER D 117 28.47 49.19 -36.05
C SER D 117 27.84 50.50 -36.54
N LEU D 118 26.50 50.47 -36.71
CA LEU D 118 25.74 51.55 -37.33
C LEU D 118 25.82 52.83 -36.48
N ASP D 119 26.33 52.74 -35.23
CA ASP D 119 26.31 53.84 -34.28
C ASP D 119 27.74 54.21 -33.86
N GLY D 120 28.69 54.08 -34.80
CA GLY D 120 30.08 54.48 -34.61
C GLY D 120 30.82 53.67 -33.55
N LYS D 121 30.30 52.48 -33.19
CA LYS D 121 30.78 51.73 -32.04
C LYS D 121 31.24 50.34 -32.44
N SER D 122 31.98 49.75 -31.50
CA SER D 122 32.59 48.44 -31.58
C SER D 122 31.95 47.52 -30.53
N VAL D 123 31.92 46.22 -30.83
CA VAL D 123 31.22 45.24 -30.02
C VAL D 123 32.11 44.84 -28.85
N LEU D 124 32.07 45.58 -27.73
CA LEU D 124 33.00 45.32 -26.62
C LEU D 124 32.80 43.92 -26.06
N VAL D 125 31.54 43.62 -25.67
CA VAL D 125 31.16 42.29 -25.24
C VAL D 125 30.01 41.79 -26.10
N GLN D 126 30.06 40.53 -26.45
CA GLN D 126 29.03 39.89 -27.25
C GLN D 126 27.81 39.63 -26.36
N GLY D 127 26.65 39.47 -27.02
CA GLY D 127 25.40 39.25 -26.31
C GLY D 127 25.11 37.76 -26.18
N THR D 128 24.16 37.41 -25.31
CA THR D 128 23.69 36.05 -25.13
C THR D 128 22.22 35.97 -25.50
N LYS D 129 21.58 34.84 -25.21
CA LYS D 129 20.13 34.72 -25.36
C LYS D 129 19.39 35.47 -24.24
N GLU D 130 20.15 35.93 -23.24
CA GLU D 130 19.55 36.61 -22.09
C GLU D 130 20.12 38.01 -21.89
N ARG D 131 21.22 38.37 -22.56
CA ARG D 131 21.85 39.67 -22.30
C ARG D 131 22.22 40.36 -23.61
N ASP D 132 22.25 41.69 -23.59
CA ASP D 132 22.50 42.46 -24.79
C ASP D 132 23.99 42.68 -24.97
N VAL D 133 24.38 42.99 -26.20
CA VAL D 133 25.72 43.37 -26.60
C VAL D 133 26.15 44.65 -25.88
N VAL D 134 27.27 44.65 -25.13
CA VAL D 134 27.86 45.90 -24.63
C VAL D 134 28.73 46.54 -25.71
N CYS D 135 28.48 47.82 -26.05
CA CYS D 135 29.18 48.47 -27.15
C CYS D 135 30.40 49.21 -26.58
N GLY D 136 31.33 49.53 -27.49
CA GLY D 136 32.52 50.31 -27.19
C GLY D 136 32.97 51.09 -28.42
N PRO D 137 33.99 51.97 -28.30
CA PRO D 137 34.35 52.92 -29.37
C PRO D 137 35.34 52.44 -30.44
N GLY D 138 34.87 52.34 -31.69
CA GLY D 138 35.72 51.88 -32.80
C GLY D 138 34.98 51.99 -34.13
N GLU E 1 13.85 10.48 -5.88
CA GLU E 1 13.54 9.57 -4.74
C GLU E 1 12.03 9.55 -4.53
N VAL E 2 11.25 9.55 -5.63
CA VAL E 2 9.79 9.61 -5.61
C VAL E 2 9.22 8.23 -5.30
N GLN E 3 8.30 8.13 -4.33
CA GLN E 3 7.77 6.84 -3.92
C GLN E 3 6.30 6.95 -3.51
N LEU E 4 5.57 5.83 -3.68
CA LEU E 4 4.18 5.70 -3.31
C LEU E 4 3.99 4.27 -2.80
N LEU E 5 3.67 4.08 -1.51
CA LEU E 5 3.53 2.72 -0.97
C LEU E 5 2.11 2.46 -0.51
N GLU E 6 1.45 1.49 -1.15
CA GLU E 6 0.09 1.15 -0.79
C GLU E 6 0.11 0.07 0.29
N SER E 7 -0.88 0.14 1.18
CA SER E 7 -1.08 -0.80 2.27
C SER E 7 -2.57 -0.96 2.56
N GLY E 8 -2.92 -1.89 3.45
CA GLY E 8 -4.27 -1.98 3.99
C GLY E 8 -5.14 -3.00 3.27
N GLY E 9 -4.64 -3.54 2.15
CA GLY E 9 -5.38 -4.51 1.36
C GLY E 9 -5.35 -5.89 2.01
N GLY E 10 -6.36 -6.70 1.70
CA GLY E 10 -6.45 -8.03 2.23
C GLY E 10 -7.74 -8.73 1.82
N LEU E 11 -7.99 -9.85 2.49
CA LEU E 11 -9.12 -10.71 2.18
C LEU E 11 -10.30 -10.34 3.06
N VAL E 12 -11.46 -10.02 2.44
CA VAL E 12 -12.70 -9.73 3.16
C VAL E 12 -13.87 -10.52 2.58
N GLN E 13 -14.89 -10.68 3.44
CA GLN E 13 -16.19 -11.23 3.07
C GLN E 13 -17.02 -10.15 2.39
N PRO E 14 -17.87 -10.48 1.39
CA PRO E 14 -18.68 -9.46 0.73
C PRO E 14 -19.60 -8.75 1.72
N GLY E 15 -19.66 -7.41 1.58
CA GLY E 15 -20.40 -6.53 2.48
C GLY E 15 -19.49 -5.82 3.47
N GLY E 16 -18.28 -6.37 3.67
CA GLY E 16 -17.29 -5.84 4.61
C GLY E 16 -16.53 -4.65 4.05
N SER E 17 -15.45 -4.24 4.75
CA SER E 17 -14.80 -2.96 4.48
C SER E 17 -13.31 -3.00 4.78
N LEU E 18 -12.54 -2.16 4.07
CA LEU E 18 -11.10 -2.01 4.22
C LEU E 18 -10.73 -0.53 4.09
N ARG E 19 -9.57 -0.14 4.65
CA ARG E 19 -9.02 1.19 4.53
C ARG E 19 -7.64 1.10 3.89
N LEU E 20 -7.58 1.44 2.60
CA LEU E 20 -6.32 1.50 1.87
C LEU E 20 -5.57 2.78 2.23
N SER E 21 -4.24 2.71 2.28
CA SER E 21 -3.39 3.87 2.52
C SER E 21 -2.21 3.87 1.55
N CYS E 22 -1.86 5.06 1.05
CA CYS E 22 -0.73 5.24 0.15
C CYS E 22 0.20 6.26 0.78
N ALA E 23 1.49 5.91 0.92
CA ALA E 23 2.48 6.76 1.58
C ALA E 23 3.38 7.43 0.55
N ALA E 24 3.29 8.76 0.44
CA ALA E 24 4.03 9.49 -0.58
C ALA E 24 5.31 10.06 0.02
N SER E 25 6.34 10.20 -0.86
CA SER E 25 7.62 10.82 -0.52
C SER E 25 8.36 11.22 -1.80
N GLY E 26 9.22 12.25 -1.71
CA GLY E 26 10.13 12.61 -2.79
C GLY E 26 9.56 13.64 -3.78
N PHE E 27 8.42 14.24 -3.42
CA PHE E 27 7.75 15.24 -4.25
C PHE E 27 6.76 16.05 -3.42
N ASN E 28 6.14 17.09 -4.01
CA ASN E 28 5.12 17.85 -3.30
C ASN E 28 3.77 17.14 -3.42
N PHE E 29 3.38 16.44 -2.36
CA PHE E 29 2.13 15.69 -2.27
C PHE E 29 0.96 16.66 -2.32
N GLY E 30 1.09 17.79 -1.61
CA GLY E 30 0.05 18.80 -1.50
C GLY E 30 -0.43 19.30 -2.88
N TYR E 31 0.49 19.45 -3.84
CA TYR E 31 0.23 19.98 -5.17
C TYR E 31 -0.41 18.95 -6.11
N SER E 32 -0.24 17.64 -5.82
CA SER E 32 -0.57 16.56 -6.73
C SER E 32 -2.06 16.21 -6.73
N TYR E 33 -2.59 15.98 -7.94
CA TYR E 33 -3.90 15.38 -8.18
C TYR E 33 -3.72 13.87 -8.02
N MET E 34 -4.19 13.36 -6.88
CA MET E 34 -4.01 11.96 -6.56
C MET E 34 -5.22 11.17 -7.05
N SER E 35 -4.98 9.89 -7.40
CA SER E 35 -6.01 8.99 -7.90
C SER E 35 -5.74 7.55 -7.41
N TRP E 36 -6.78 6.71 -7.48
CA TRP E 36 -6.68 5.26 -7.33
C TRP E 36 -7.10 4.61 -8.64
N VAL E 37 -6.27 3.71 -9.17
CA VAL E 37 -6.58 2.91 -10.35
C VAL E 37 -6.49 1.43 -9.97
N ARG E 38 -7.53 0.63 -10.25
CA ARG E 38 -7.51 -0.77 -9.88
C ARG E 38 -7.33 -1.63 -11.14
N GLN E 39 -6.84 -2.87 -10.95
CA GLN E 39 -6.61 -3.84 -12.02
C GLN E 39 -6.80 -5.24 -11.45
N ALA E 40 -7.94 -5.90 -11.76
CA ALA E 40 -8.16 -7.26 -11.28
C ALA E 40 -7.18 -8.19 -11.98
N PRO E 41 -6.58 -9.23 -11.33
CA PRO E 41 -5.41 -9.89 -11.93
C PRO E 41 -5.79 -10.53 -13.26
N GLY E 42 -5.07 -10.14 -14.32
CA GLY E 42 -5.27 -10.71 -15.64
C GLY E 42 -6.18 -9.85 -16.50
N LYS E 43 -6.80 -8.85 -15.89
CA LYS E 43 -7.64 -7.88 -16.58
C LYS E 43 -6.83 -6.59 -16.78
N GLY E 44 -7.54 -5.50 -17.08
CA GLY E 44 -6.93 -4.22 -17.37
C GLY E 44 -7.17 -3.22 -16.25
N LEU E 45 -6.87 -1.94 -16.57
CA LEU E 45 -6.81 -0.85 -15.63
C LEU E 45 -8.13 -0.08 -15.69
N GLU E 46 -8.71 0.16 -14.51
CA GLU E 46 -9.99 0.85 -14.38
C GLU E 46 -9.84 1.95 -13.33
N TRP E 47 -10.15 3.18 -13.69
CA TRP E 47 -10.04 4.26 -12.74
C TRP E 47 -11.10 4.06 -11.64
N VAL E 48 -10.77 4.44 -10.39
CA VAL E 48 -11.64 4.25 -9.24
C VAL E 48 -12.10 5.60 -8.70
N SER E 49 -11.13 6.46 -8.35
CA SER E 49 -11.41 7.73 -7.68
C SER E 49 -10.23 8.68 -7.81
N SER E 50 -10.49 9.98 -7.67
CA SER E 50 -9.47 11.02 -7.70
C SER E 50 -9.79 12.08 -6.65
N ILE E 51 -8.77 12.78 -6.17
CA ILE E 51 -8.93 13.87 -5.23
C ILE E 51 -7.94 14.98 -5.59
N GLY E 52 -8.46 16.20 -5.68
CA GLY E 52 -7.71 17.35 -6.12
C GLY E 52 -6.71 17.77 -5.05
N SER E 53 -5.68 18.53 -5.46
CA SER E 53 -4.68 19.07 -4.54
C SER E 53 -5.37 19.90 -3.45
N THR E 54 -6.48 20.53 -3.85
CA THR E 54 -7.31 21.38 -3.00
C THR E 54 -7.97 20.56 -1.88
N SER E 55 -8.24 19.28 -2.16
CA SER E 55 -8.82 18.29 -1.25
C SER E 55 -10.31 18.56 -1.01
N SER E 56 -10.93 19.34 -1.91
CA SER E 56 -12.34 19.69 -1.83
C SER E 56 -13.11 18.96 -2.91
N HIS E 57 -12.39 18.64 -4.01
CA HIS E 57 -12.92 17.92 -5.16
C HIS E 57 -12.66 16.41 -5.01
N THR E 58 -13.71 15.63 -4.74
CA THR E 58 -13.59 14.18 -4.66
C THR E 58 -14.46 13.59 -5.77
N TYR E 59 -13.81 12.85 -6.68
CA TYR E 59 -14.47 12.25 -7.83
C TYR E 59 -14.46 10.73 -7.67
N TYR E 60 -15.54 10.09 -8.16
CA TYR E 60 -15.75 8.66 -8.00
C TYR E 60 -16.28 8.05 -9.30
N ALA E 61 -15.92 6.79 -9.53
CA ALA E 61 -16.48 6.02 -10.64
C ALA E 61 -17.90 5.61 -10.27
N ASP E 62 -18.74 5.41 -11.28
CA ASP E 62 -20.15 5.14 -11.01
C ASP E 62 -20.31 3.92 -10.12
N SER E 63 -19.48 2.89 -10.29
CA SER E 63 -19.72 1.60 -9.63
C SER E 63 -19.33 1.64 -8.15
N VAL E 64 -18.54 2.64 -7.74
CA VAL E 64 -18.07 2.72 -6.37
C VAL E 64 -18.66 3.93 -5.65
N LYS E 65 -19.50 4.72 -6.33
CA LYS E 65 -20.16 5.84 -5.69
C LYS E 65 -21.00 5.33 -4.52
N GLY E 66 -20.92 6.07 -3.39
CA GLY E 66 -21.73 5.81 -2.22
C GLY E 66 -21.19 4.67 -1.35
N ARG E 67 -20.05 4.08 -1.75
CA ARG E 67 -19.46 2.95 -1.06
C ARG E 67 -18.03 3.31 -0.67
N PHE E 68 -17.24 3.86 -1.63
CA PHE E 68 -15.85 4.23 -1.41
C PHE E 68 -15.76 5.72 -1.07
N THR E 69 -14.70 6.11 -0.34
CA THR E 69 -14.46 7.50 0.01
C THR E 69 -12.97 7.84 -0.02
N ILE E 70 -12.58 8.71 -0.95
CA ILE E 70 -11.19 9.15 -1.06
C ILE E 70 -10.97 10.33 -0.11
N SER E 71 -9.78 10.35 0.52
CA SER E 71 -9.38 11.37 1.48
C SER E 71 -7.85 11.49 1.51
N ARG E 72 -7.32 12.63 1.96
CA ARG E 72 -5.88 12.83 2.03
C ARG E 72 -5.51 13.65 3.27
N ASP E 73 -4.30 13.40 3.78
CA ASP E 73 -3.73 14.05 4.95
C ASP E 73 -2.39 14.64 4.53
N ASN E 74 -2.41 15.83 3.93
CA ASN E 74 -1.23 16.41 3.30
C ASN E 74 -0.13 16.69 4.33
N SER E 75 -0.44 16.59 5.63
CA SER E 75 0.56 16.71 6.69
C SER E 75 1.44 15.46 6.75
N LYS E 76 0.81 14.27 6.80
CA LYS E 76 1.51 13.01 6.83
C LYS E 76 1.74 12.47 5.41
N ASN E 77 1.48 13.27 4.37
CA ASN E 77 1.60 12.91 2.95
C ASN E 77 1.03 11.53 2.67
N THR E 78 -0.25 11.34 3.03
CA THR E 78 -0.93 10.07 2.90
C THR E 78 -2.26 10.21 2.16
N LEU E 79 -2.50 9.31 1.21
CA LEU E 79 -3.76 9.19 0.48
C LEU E 79 -4.51 7.97 1.03
N TYR E 80 -5.86 8.06 1.14
CA TYR E 80 -6.65 6.98 1.72
C TYR E 80 -7.81 6.61 0.80
N LEU E 81 -8.25 5.33 0.89
CA LEU E 81 -9.47 4.90 0.25
C LEU E 81 -10.29 4.07 1.24
N GLN E 82 -11.32 4.70 1.81
CA GLN E 82 -12.22 4.00 2.71
C GLN E 82 -13.22 3.21 1.87
N MET E 83 -12.94 1.92 1.69
CA MET E 83 -13.79 1.08 0.86
C MET E 83 -14.76 0.29 1.74
N ASN E 84 -16.06 0.66 1.68
CA ASN E 84 -17.11 0.05 2.47
C ASN E 84 -18.05 -0.72 1.54
N SER E 85 -18.86 -1.63 2.11
CA SER E 85 -19.86 -2.40 1.37
C SER E 85 -19.24 -3.18 0.22
N LEU E 86 -18.03 -3.74 0.43
CA LEU E 86 -17.20 -4.31 -0.63
C LEU E 86 -17.92 -5.45 -1.34
N ARG E 87 -17.92 -5.39 -2.68
CA ARG E 87 -18.58 -6.38 -3.53
C ARG E 87 -17.53 -7.28 -4.18
N ALA E 88 -18.00 -8.36 -4.80
CA ALA E 88 -17.17 -9.35 -5.45
C ALA E 88 -16.43 -8.73 -6.62
N GLU E 89 -17.10 -7.81 -7.34
CA GLU E 89 -16.53 -7.16 -8.51
C GLU E 89 -15.35 -6.26 -8.15
N ASP E 90 -15.19 -5.94 -6.86
CA ASP E 90 -14.16 -5.02 -6.39
C ASP E 90 -12.80 -5.70 -6.25
N THR E 91 -12.73 -7.03 -6.38
CA THR E 91 -11.50 -7.80 -6.18
C THR E 91 -10.50 -7.34 -7.21
N ALA E 92 -9.38 -6.74 -6.77
CA ALA E 92 -8.39 -6.14 -7.65
C ALA E 92 -7.15 -5.68 -6.88
N VAL E 93 -6.06 -5.42 -7.61
CA VAL E 93 -4.90 -4.70 -7.09
C VAL E 93 -5.16 -3.21 -7.28
N TYR E 94 -5.14 -2.45 -6.18
CA TYR E 94 -5.36 -1.01 -6.24
C TYR E 94 -4.00 -0.30 -6.22
N TYR E 95 -3.84 0.70 -7.10
CA TYR E 95 -2.63 1.51 -7.17
C TYR E 95 -2.96 2.97 -6.91
N CYS E 96 -2.09 3.68 -6.17
CA CYS E 96 -2.21 5.14 -6.06
C CYS E 96 -1.29 5.75 -7.14
N ALA E 97 -1.83 6.77 -7.82
CA ALA E 97 -1.24 7.31 -9.02
C ALA E 97 -1.27 8.82 -8.98
N ARG E 98 -0.16 9.46 -9.40
CA ARG E 98 -0.05 10.90 -9.25
C ARG E 98 0.16 11.61 -10.60
N VAL E 99 -0.64 12.68 -10.77
CA VAL E 99 -0.55 13.60 -11.89
C VAL E 99 -0.02 14.93 -11.35
N TYR E 100 1.16 15.38 -11.82
CA TYR E 100 1.84 16.52 -11.19
C TYR E 100 1.59 17.80 -11.99
N SER E 101 2.21 17.86 -13.18
CA SER E 101 2.08 18.98 -14.10
C SER E 101 1.78 18.48 -15.52
N SER E 102 2.26 17.26 -15.83
CA SER E 102 1.95 16.54 -17.07
C SER E 102 0.57 15.89 -16.97
N PRO E 103 -0.17 15.75 -18.09
CA PRO E 103 -1.48 15.09 -18.08
C PRO E 103 -1.43 13.57 -17.98
N GLY E 104 -0.23 13.01 -18.14
CA GLY E 104 -0.03 11.59 -17.92
C GLY E 104 0.28 11.32 -16.45
N ILE E 105 -0.14 10.12 -16.01
CA ILE E 105 0.16 9.64 -14.67
C ILE E 105 1.58 9.08 -14.67
N ASP E 106 2.53 9.79 -14.05
CA ASP E 106 3.94 9.49 -14.27
C ASP E 106 4.48 8.57 -13.17
N TYR E 107 3.97 8.68 -11.94
CA TYR E 107 4.37 7.76 -10.88
C TYR E 107 3.18 6.95 -10.34
N TRP E 108 3.35 5.62 -10.44
CA TRP E 108 2.43 4.65 -9.88
C TRP E 108 3.10 4.02 -8.66
N GLY E 109 2.29 3.55 -7.71
CA GLY E 109 2.79 2.75 -6.59
C GLY E 109 2.98 1.29 -6.97
N GLN E 110 3.30 0.43 -5.99
CA GLN E 110 3.52 -1.00 -6.20
C GLN E 110 2.22 -1.80 -6.13
N GLY E 111 1.16 -1.20 -5.56
CA GLY E 111 -0.13 -1.86 -5.44
C GLY E 111 -0.37 -2.51 -4.07
N THR E 112 -1.65 -2.79 -3.79
CA THR E 112 -2.12 -3.56 -2.65
C THR E 112 -3.32 -4.39 -3.11
N LEU E 113 -3.40 -5.67 -2.70
CA LEU E 113 -4.44 -6.57 -3.19
C LEU E 113 -5.66 -6.56 -2.26
N VAL E 114 -6.81 -6.24 -2.85
CA VAL E 114 -8.10 -6.40 -2.20
C VAL E 114 -8.80 -7.61 -2.79
N THR E 115 -9.16 -8.56 -1.92
CA THR E 115 -9.83 -9.79 -2.29
C THR E 115 -11.18 -9.85 -1.57
N VAL E 116 -12.25 -10.16 -2.30
CA VAL E 116 -13.56 -10.39 -1.71
C VAL E 116 -13.96 -11.81 -2.08
N SER E 117 -14.48 -12.62 -1.17
CA SER E 117 -14.60 -14.04 -1.48
C SER E 117 -15.98 -14.62 -1.16
N SER E 118 -16.40 -15.57 -2.01
CA SER E 118 -17.60 -16.38 -1.81
C SER E 118 -18.81 -15.49 -1.58
N SER F 1 -21.43 3.73 -22.39
CA SER F 1 -22.00 4.88 -21.66
C SER F 1 -21.12 6.14 -21.78
N ASP F 2 -19.79 6.02 -21.55
CA ASP F 2 -18.85 7.14 -21.64
C ASP F 2 -17.96 6.92 -22.87
N ILE F 3 -16.83 7.63 -22.91
CA ILE F 3 -15.85 7.43 -23.98
C ILE F 3 -15.24 6.04 -23.82
N GLN F 4 -15.16 5.29 -24.91
CA GLN F 4 -14.66 3.93 -24.91
C GLN F 4 -13.43 3.83 -25.81
N MET F 5 -12.32 3.27 -25.28
CA MET F 5 -11.09 3.06 -26.03
C MET F 5 -11.02 1.60 -26.49
N THR F 6 -10.62 1.35 -27.74
CA THR F 6 -10.53 -0.01 -28.29
C THR F 6 -9.16 -0.18 -28.97
N GLN F 7 -8.30 -1.00 -28.35
CA GLN F 7 -6.95 -1.25 -28.85
C GLN F 7 -6.97 -2.39 -29.88
N SER F 8 -6.05 -2.34 -30.84
CA SER F 8 -5.90 -3.37 -31.86
C SER F 8 -4.43 -3.70 -32.16
N PRO F 9 -4.01 -4.97 -32.13
CA PRO F 9 -4.84 -6.12 -31.73
C PRO F 9 -4.66 -6.41 -30.25
N SER F 10 -5.46 -7.34 -29.68
CA SER F 10 -5.39 -7.57 -28.24
C SER F 10 -4.15 -8.37 -27.86
N SER F 11 -3.63 -9.19 -28.77
CA SER F 11 -2.34 -9.86 -28.62
C SER F 11 -1.56 -9.77 -29.93
N LEU F 12 -0.23 -9.68 -29.83
CA LEU F 12 0.64 -9.59 -31.00
C LEU F 12 2.00 -10.22 -30.70
N SER F 13 2.32 -11.31 -31.40
CA SER F 13 3.57 -12.04 -31.24
C SER F 13 4.61 -11.48 -32.19
N ALA F 14 5.81 -11.18 -31.69
CA ALA F 14 6.79 -10.40 -32.43
C ALA F 14 8.21 -10.87 -32.11
N SER F 15 9.12 -10.52 -33.03
CA SER F 15 10.53 -10.86 -32.94
C SER F 15 11.32 -9.62 -32.53
N VAL F 16 12.49 -9.84 -31.92
CA VAL F 16 13.36 -8.78 -31.45
C VAL F 16 13.97 -8.10 -32.68
N GLY F 17 13.80 -6.79 -32.83
CA GLY F 17 14.40 -6.05 -33.94
C GLY F 17 13.37 -5.59 -34.98
N ASP F 18 12.12 -6.07 -34.84
CA ASP F 18 11.02 -5.66 -35.70
C ASP F 18 10.58 -4.26 -35.30
N ARG F 19 9.87 -3.60 -36.22
CA ARG F 19 9.12 -2.41 -35.84
C ARG F 19 7.64 -2.79 -35.75
N VAL F 20 7.15 -2.79 -34.51
CA VAL F 20 5.78 -3.17 -34.21
C VAL F 20 4.94 -1.89 -34.08
N THR F 21 3.62 -1.99 -34.34
CA THR F 21 2.70 -0.86 -34.23
C THR F 21 1.35 -1.29 -33.64
N ILE F 22 0.94 -0.64 -32.53
CA ILE F 22 -0.31 -0.90 -31.81
C ILE F 22 -1.32 0.20 -32.12
N THR F 23 -2.60 -0.16 -32.30
CA THR F 23 -3.70 0.76 -32.53
C THR F 23 -4.45 1.02 -31.22
N CYS F 24 -5.10 2.19 -31.14
CA CYS F 24 -6.01 2.58 -30.06
C CYS F 24 -7.06 3.47 -30.70
N ARG F 25 -8.34 3.13 -30.53
CA ARG F 25 -9.43 3.82 -31.21
C ARG F 25 -10.43 4.37 -30.19
N ALA F 26 -10.71 5.68 -30.26
CA ALA F 26 -11.63 6.34 -29.35
C ALA F 26 -13.02 6.41 -29.96
N SER F 27 -14.04 6.15 -29.12
CA SER F 27 -15.43 6.09 -29.56
C SER F 27 -15.93 7.44 -30.05
N GLN F 28 -15.12 8.49 -29.90
CA GLN F 28 -15.41 9.83 -30.43
C GLN F 28 -14.09 10.57 -30.63
N SER F 29 -14.11 11.68 -31.39
CA SER F 29 -12.93 12.53 -31.53
C SER F 29 -12.53 13.08 -30.17
N ILE F 30 -11.27 12.89 -29.76
CA ILE F 30 -10.80 13.33 -28.45
C ILE F 30 -9.53 14.16 -28.61
N GLY F 31 -9.42 14.84 -29.75
CA GLY F 31 -8.25 15.66 -30.05
C GLY F 31 -6.96 14.87 -29.89
N SER F 32 -6.08 15.32 -28.96
CA SER F 32 -4.81 14.67 -28.71
C SER F 32 -4.63 14.35 -27.22
N THR F 33 -5.74 14.08 -26.52
CA THR F 33 -5.74 13.85 -25.08
C THR F 33 -5.56 12.36 -24.77
N LEU F 34 -4.43 11.79 -25.21
CA LEU F 34 -4.13 10.37 -25.04
C LEU F 34 -2.77 10.12 -24.40
N ASN F 35 -2.69 9.08 -23.58
CA ASN F 35 -1.46 8.64 -22.94
C ASN F 35 -1.18 7.19 -23.35
N TRP F 36 0.09 6.78 -23.22
CA TRP F 36 0.51 5.42 -23.49
C TRP F 36 1.32 4.89 -22.31
N TYR F 37 1.06 3.63 -21.93
CA TYR F 37 1.71 2.99 -20.80
C TYR F 37 2.25 1.61 -21.19
N GLN F 38 3.30 1.16 -20.49
CA GLN F 38 3.86 -0.18 -20.61
C GLN F 38 3.80 -0.81 -19.22
N GLN F 39 3.29 -2.06 -19.15
CA GLN F 39 3.14 -2.77 -17.88
C GLN F 39 3.64 -4.20 -18.06
N LYS F 40 4.73 -4.57 -17.38
CA LYS F 40 5.26 -5.93 -17.45
C LYS F 40 4.55 -6.75 -16.36
N PRO F 41 4.42 -8.09 -16.52
CA PRO F 41 3.62 -8.89 -15.60
C PRO F 41 3.67 -8.43 -14.15
N GLY F 42 2.55 -7.91 -13.63
CA GLY F 42 2.48 -7.50 -12.24
C GLY F 42 3.10 -6.13 -11.99
N LYS F 43 4.27 -5.86 -12.59
CA LYS F 43 4.96 -4.59 -12.38
C LYS F 43 4.00 -3.43 -12.68
N ALA F 44 4.04 -2.38 -11.87
CA ALA F 44 3.16 -1.23 -12.02
C ALA F 44 3.43 -0.54 -13.35
N PRO F 45 2.42 0.11 -13.96
CA PRO F 45 2.58 0.68 -15.30
C PRO F 45 3.60 1.80 -15.34
N LYS F 46 4.18 2.06 -16.53
CA LYS F 46 5.07 3.19 -16.70
C LYS F 46 4.61 4.02 -17.89
N LEU F 47 4.66 5.33 -17.71
CA LEU F 47 4.26 6.31 -18.70
C LEU F 47 5.32 6.34 -19.81
N LEU F 48 4.85 6.09 -21.04
CA LEU F 48 5.69 6.17 -22.23
C LEU F 48 5.48 7.53 -22.91
N ILE F 49 4.24 7.75 -23.39
CA ILE F 49 3.85 8.90 -24.20
C ILE F 49 2.68 9.61 -23.51
N TYR F 50 2.73 10.95 -23.46
CA TYR F 50 1.67 11.80 -22.97
C TYR F 50 1.36 12.83 -24.06
N GLY F 51 0.08 13.17 -24.22
CA GLY F 51 -0.38 14.07 -25.25
C GLY F 51 -0.28 13.46 -26.63
N ALA F 52 -0.39 12.12 -26.70
CA ALA F 52 -0.47 11.32 -27.90
C ALA F 52 0.84 11.24 -28.68
N SER F 53 1.81 12.13 -28.40
CA SER F 53 3.00 12.27 -29.23
C SER F 53 4.30 12.45 -28.43
N SER F 54 4.32 13.31 -27.40
CA SER F 54 5.54 13.60 -26.64
C SER F 54 5.91 12.44 -25.70
N LEU F 55 7.22 12.16 -25.57
CA LEU F 55 7.78 11.09 -24.73
C LEU F 55 8.08 11.62 -23.33
N GLN F 56 7.92 10.75 -22.32
CA GLN F 56 8.26 11.05 -20.94
C GLN F 56 9.79 10.97 -20.83
N SER F 57 10.38 11.74 -19.90
CA SER F 57 11.83 11.74 -19.75
C SER F 57 12.28 10.36 -19.29
N GLY F 58 13.18 9.73 -20.06
CA GLY F 58 13.70 8.41 -19.74
C GLY F 58 13.33 7.37 -20.79
N VAL F 59 12.20 7.57 -21.48
CA VAL F 59 11.71 6.63 -22.47
C VAL F 59 12.59 6.70 -23.71
N PRO F 60 13.06 5.56 -24.26
CA PRO F 60 13.94 5.58 -25.44
C PRO F 60 13.27 5.93 -26.77
N SER F 61 14.11 6.38 -27.71
CA SER F 61 13.68 7.02 -28.96
C SER F 61 12.89 6.07 -29.87
N ARG F 62 12.93 4.76 -29.59
CA ARG F 62 12.29 3.74 -30.43
C ARG F 62 10.77 3.65 -30.23
N PHE F 63 10.28 4.12 -29.07
CA PHE F 63 8.86 4.24 -28.78
C PHE F 63 8.35 5.57 -29.34
N SER F 64 7.33 5.54 -30.22
CA SER F 64 6.82 6.75 -30.88
C SER F 64 5.29 6.80 -30.88
N GLY F 65 4.73 7.91 -30.38
CA GLY F 65 3.28 8.07 -30.30
C GLY F 65 2.76 8.99 -31.41
N SER F 66 1.69 8.57 -32.07
CA SER F 66 1.08 9.31 -33.17
C SER F 66 -0.45 9.21 -33.10
N GLY F 67 -1.10 10.04 -33.92
CA GLY F 67 -2.55 10.07 -34.06
C GLY F 67 -3.19 11.30 -33.41
N SER F 68 -4.31 11.73 -33.99
CA SER F 68 -5.19 12.76 -33.43
C SER F 68 -6.61 12.53 -33.96
N GLY F 69 -7.60 12.74 -33.08
CA GLY F 69 -9.01 12.51 -33.45
C GLY F 69 -9.55 11.22 -32.82
N THR F 70 -9.57 10.14 -33.59
CA THR F 70 -10.12 8.86 -33.17
C THR F 70 -9.04 7.78 -33.14
N ASP F 71 -8.22 7.67 -34.21
CA ASP F 71 -7.23 6.62 -34.35
C ASP F 71 -5.85 7.12 -33.91
N PHE F 72 -5.21 6.34 -33.02
CA PHE F 72 -3.90 6.64 -32.47
C PHE F 72 -3.04 5.37 -32.52
N THR F 73 -1.74 5.51 -32.79
CA THR F 73 -0.86 4.35 -32.85
C THR F 73 0.42 4.59 -32.06
N LEU F 74 0.79 3.61 -31.24
CA LEU F 74 2.09 3.53 -30.60
C LEU F 74 2.97 2.64 -31.46
N THR F 75 4.14 3.14 -31.86
CA THR F 75 5.04 2.36 -32.69
C THR F 75 6.39 2.20 -31.98
N ILE F 76 6.94 0.98 -32.11
CA ILE F 76 8.27 0.62 -31.64
C ILE F 76 9.12 0.22 -32.83
N SER F 77 10.11 1.06 -33.15
CA SER F 77 11.15 0.68 -34.10
C SER F 77 12.15 -0.23 -33.37
N SER F 78 12.92 -1.04 -34.10
CA SER F 78 13.82 -2.07 -33.59
C SER F 78 13.54 -2.50 -32.14
N LEU F 79 12.67 -3.52 -31.99
CA LEU F 79 12.23 -4.08 -30.73
C LEU F 79 13.42 -4.47 -29.85
N GLN F 80 13.24 -4.39 -28.52
CA GLN F 80 14.24 -4.92 -27.61
C GLN F 80 13.61 -5.85 -26.57
N PRO F 81 14.43 -6.75 -25.95
CA PRO F 81 13.94 -7.71 -24.95
C PRO F 81 13.06 -7.15 -23.84
N GLU F 82 13.41 -5.95 -23.35
CA GLU F 82 12.75 -5.36 -22.21
C GLU F 82 11.42 -4.70 -22.63
N ASP F 83 11.10 -4.78 -23.93
CA ASP F 83 9.92 -4.16 -24.51
C ASP F 83 8.80 -5.18 -24.71
N PHE F 84 8.92 -6.37 -24.08
CA PHE F 84 7.87 -7.36 -24.14
C PHE F 84 6.97 -7.22 -22.92
N ALA F 85 5.78 -6.64 -23.12
CA ALA F 85 4.88 -6.27 -22.03
C ALA F 85 3.47 -6.05 -22.58
N THR F 86 2.50 -5.80 -21.68
CA THR F 86 1.19 -5.35 -22.08
C THR F 86 1.22 -3.83 -22.17
N TYR F 87 0.69 -3.27 -23.27
CA TYR F 87 0.65 -1.84 -23.47
C TYR F 87 -0.79 -1.33 -23.45
N TYR F 88 -1.00 -0.23 -22.72
CA TYR F 88 -2.31 0.36 -22.51
C TYR F 88 -2.33 1.81 -22.99
N CYS F 89 -3.47 2.24 -23.57
CA CYS F 89 -3.70 3.65 -23.90
C CYS F 89 -4.78 4.23 -23.00
N GLN F 90 -4.67 5.51 -22.64
CA GLN F 90 -5.58 6.17 -21.71
C GLN F 90 -5.95 7.56 -22.24
N GLN F 91 -7.22 7.96 -22.10
CA GLN F 91 -7.66 9.30 -22.48
C GLN F 91 -7.75 10.15 -21.21
N TYR F 92 -7.55 11.47 -21.35
CA TYR F 92 -7.84 12.41 -20.27
C TYR F 92 -8.81 13.46 -20.74
N TYR F 93 -9.36 13.25 -21.95
CA TYR F 93 -10.41 14.09 -22.49
C TYR F 93 -11.45 14.30 -21.40
N THR F 94 -11.89 13.19 -20.78
CA THR F 94 -12.70 13.22 -19.56
C THR F 94 -11.87 12.70 -18.38
N TRP F 95 -11.94 13.40 -17.24
CA TRP F 95 -11.15 13.07 -16.06
C TRP F 95 -11.97 12.28 -15.06
N VAL F 96 -13.30 12.38 -15.22
CA VAL F 96 -14.29 11.74 -14.39
C VAL F 96 -15.26 11.04 -15.31
N PRO F 97 -14.95 9.85 -15.87
CA PRO F 97 -13.73 9.10 -15.56
C PRO F 97 -12.74 9.06 -16.71
N PHE F 98 -11.43 8.94 -16.44
CA PHE F 98 -10.53 8.65 -17.53
C PHE F 98 -10.67 7.17 -17.84
N THR F 99 -10.59 6.83 -19.13
CA THR F 99 -10.78 5.47 -19.58
C THR F 99 -9.52 4.97 -20.26
N PHE F 100 -9.22 3.67 -20.07
CA PHE F 100 -8.10 2.99 -20.70
C PHE F 100 -8.58 1.98 -21.73
N GLY F 101 -7.66 1.57 -22.61
CA GLY F 101 -7.92 0.47 -23.53
C GLY F 101 -7.82 -0.87 -22.81
N GLN F 102 -8.29 -1.94 -23.47
CA GLN F 102 -8.28 -3.27 -22.87
C GLN F 102 -6.84 -3.76 -22.75
N GLY F 103 -5.90 -3.13 -23.47
CA GLY F 103 -4.50 -3.52 -23.45
C GLY F 103 -4.15 -4.42 -24.64
N THR F 104 -2.92 -4.29 -25.15
CA THR F 104 -2.37 -5.20 -26.14
C THR F 104 -1.13 -5.88 -25.55
N LYS F 105 -1.13 -7.23 -25.52
CA LYS F 105 -0.02 -8.01 -24.98
C LYS F 105 0.98 -8.29 -26.09
N LEU F 106 2.23 -7.87 -25.90
CA LEU F 106 3.30 -8.08 -26.86
C LEU F 106 4.13 -9.29 -26.42
N GLU F 107 4.29 -10.28 -27.32
CA GLU F 107 4.88 -11.58 -27.00
C GLU F 107 6.23 -11.77 -27.70
N ILE F 108 6.71 -13.03 -27.79
CA ILE F 108 7.93 -13.35 -28.52
C ILE F 108 7.57 -14.25 -29.71
N LYS F 109 8.27 -14.08 -30.83
CA LYS F 109 8.15 -14.96 -31.99
C LYS F 109 8.62 -16.38 -31.62
#